data_1J07
#
_entry.id   1J07
#
_cell.length_a   79.531
_cell.length_b   112.314
_cell.length_c   226.964
_cell.angle_alpha   90.00
_cell.angle_beta   90.00
_cell.angle_gamma   90.00
#
_symmetry.space_group_name_H-M   'P 21 21 21'
#
loop_
_entity.id
_entity.type
_entity.pdbx_description
1 polymer acetylcholinesterase
2 branched alpha-L-fucopyranose-(1-6)-2-acetamido-2-deoxy-beta-D-glucopyranose
3 non-polymer 2-acetamido-2-deoxy-beta-D-glucopyranose
4 non-polymer 'CARBONATE ION'
5 non-polymer 'CHLORIDE ION'
6 non-polymer "3,8-DIAMINO-5,10'-(TRIMETHYLAMMONIUM)DECYL-6-PHENYL PHENANTHRIDINIUM"
7 non-polymer 'HEXAETHYLENE GLYCOL'
8 non-polymer 'TETRAETHYLENE GLYCOL'
9 water water
#
_entity_poly.entity_id   1
_entity_poly.type   'polypeptide(L)'
_entity_poly.pdbx_seq_one_letter_code
;EGREDPQLLVRVRGGQLRGIRLKAPGGPVSAFLGIPFAEPPVGSRRFMPPEPKRPWSGVLDATTFQNVCYQYVDTLYPGF
EGTEMWNPNRELSEDCLYLNVWTPYPRPASPTPVLIWIYGGGFYSGAASLDVYDGRFLAQVEGAVLVSMNYRVGTFGFLA
LPGSREAPGNVGLLDQRLALQWVQENIAAFGGDPMSVTLFGESAGAASVGMHILSLPSRSLFHRAVLQSGTPNGPWATVS
AGEARRRATLLARLVGCPPGGAGGNDTELIACLRTRPAQDLVDHEWHVLPQESIFRFSFVPVVDGDFLSDTPEALINTGD
FQDLQVLVGVVKDEGSYFLVYGVPGFSKDNESLISRAQFLAGVRIGVPQASDLAAEAVVLHYTDWLHPEDPTHLRDAMSA
VVGDHNVVCPVAQLAGRLAAQGARVYAYIFEHRASTLTWPLWMGVPHGYEIEFIFGLPLDPSLNYTTEERIFAQRLMKYW
TNFARTGDPNDPRDSKSPQWPPYTTAAQQYVSLNLKPLEVRRGLRAQTCAFWNRFLPKLLSAT
;
_entity_poly.pdbx_strand_id   A,B
#
loop_
_chem_comp.id
_chem_comp.type
_chem_comp.name
_chem_comp.formula
CL non-polymer 'CHLORIDE ION' 'Cl -1'
CO3 non-polymer 'CARBONATE ION' 'C O3 -2'
DCU non-polymer '3,8-DIAMINO-5,10'-(TRIMETHYLAMMONIUM)DECYL-6-PHENYL PHENANTHRIDINIUM' 'C32 H44 N4 2'
FUC L-saccharide, alpha linking alpha-L-fucopyranose 'C6 H12 O5'
NAG D-saccharide, beta linking 2-acetamido-2-deoxy-beta-D-glucopyranose 'C8 H15 N O6'
P6G non-polymer 'HEXAETHYLENE GLYCOL' 'C12 H26 O7'
PG4 non-polymer 'TETRAETHYLENE GLYCOL' 'C8 H18 O5'
#
# COMPACT_ATOMS: atom_id res chain seq x y z
N GLU A 1 -49.64 6.79 47.87
CA GLU A 1 -48.37 7.31 48.44
C GLU A 1 -48.61 7.76 49.86
N GLY A 2 -47.58 8.32 50.49
CA GLY A 2 -47.72 8.78 51.86
C GLY A 2 -46.41 8.66 52.59
N ARG A 3 -45.89 7.43 52.64
CA ARG A 3 -44.63 7.14 53.33
C ARG A 3 -43.40 7.02 52.43
N GLU A 4 -43.61 6.90 51.12
CA GLU A 4 -42.51 6.77 50.17
C GLU A 4 -41.66 8.02 50.00
N ASP A 5 -40.47 7.81 49.44
CA ASP A 5 -39.55 8.91 49.18
C ASP A 5 -40.20 9.79 48.11
N PRO A 6 -40.68 10.97 48.50
CA PRO A 6 -41.33 11.88 47.55
C PRO A 6 -40.46 12.26 46.35
N GLN A 7 -39.17 11.95 46.42
CA GLN A 7 -38.29 12.30 45.31
C GLN A 7 -38.27 11.23 44.20
N LEU A 8 -38.93 10.11 44.45
CA LEU A 8 -38.99 8.98 43.50
C LEU A 8 -40.35 8.78 42.83
N LEU A 9 -41.26 9.75 42.96
CA LEU A 9 -42.57 9.63 42.34
C LEU A 9 -42.62 10.63 41.20
N VAL A 10 -42.89 10.11 40.01
CA VAL A 10 -42.90 10.91 38.81
C VAL A 10 -44.05 10.51 37.89
N ARG A 11 -44.56 11.48 37.12
CA ARG A 11 -45.62 11.14 36.17
C ARG A 11 -45.17 11.40 34.74
N VAL A 12 -45.49 10.45 33.86
CA VAL A 12 -45.18 10.60 32.44
C VAL A 12 -46.52 10.41 31.67
N ARG A 13 -46.53 10.72 30.37
CA ARG A 13 -47.74 10.63 29.53
C ARG A 13 -48.61 9.40 29.77
N GLY A 14 -47.98 8.27 30.09
CA GLY A 14 -48.76 7.07 30.31
C GLY A 14 -49.15 6.78 31.76
N GLY A 15 -48.67 7.57 32.69
CA GLY A 15 -49.05 7.29 34.08
C GLY A 15 -48.00 7.60 35.10
N GLN A 16 -48.27 7.19 36.35
CA GLN A 16 -47.37 7.41 37.46
C GLN A 16 -46.33 6.30 37.59
N LEU A 17 -45.10 6.69 37.93
CA LEU A 17 -44.01 5.73 38.09
C LEU A 17 -43.35 5.91 39.45
N ARG A 18 -42.80 4.83 39.97
CA ARG A 18 -42.07 4.90 41.22
C ARG A 18 -40.68 4.38 40.89
N GLY A 19 -39.67 5.21 41.11
CA GLY A 19 -38.29 4.84 40.85
C GLY A 19 -37.65 4.33 42.11
N ILE A 20 -36.33 4.13 42.05
CA ILE A 20 -35.56 3.65 43.19
C ILE A 20 -34.33 4.54 43.40
N ARG A 21 -33.97 4.75 44.66
CA ARG A 21 -32.81 5.58 44.99
C ARG A 21 -31.63 4.61 45.00
N LEU A 22 -30.66 4.84 44.13
CA LEU A 22 -29.51 3.94 44.03
C LEU A 22 -28.25 4.58 44.58
N LYS A 23 -27.31 3.75 45.00
CA LYS A 23 -26.09 4.30 45.53
C LYS A 23 -24.94 4.32 44.52
N ALA A 24 -24.31 5.48 44.38
CA ALA A 24 -23.18 5.64 43.50
C ALA A 24 -22.01 6.03 44.39
N PRO A 25 -20.77 5.76 43.95
CA PRO A 25 -19.61 6.12 44.79
C PRO A 25 -19.74 7.41 45.56
N GLY A 26 -19.93 8.53 44.85
CA GLY A 26 -20.02 9.79 45.55
C GLY A 26 -21.38 10.30 46.00
N GLY A 27 -22.41 9.47 45.96
CA GLY A 27 -23.72 9.95 46.37
C GLY A 27 -24.87 9.17 45.75
N PRO A 28 -26.11 9.51 46.10
CA PRO A 28 -27.25 8.79 45.53
C PRO A 28 -27.68 9.29 44.14
N VAL A 29 -28.37 8.43 43.38
CA VAL A 29 -28.90 8.82 42.08
C VAL A 29 -30.33 8.27 42.01
N SER A 30 -31.17 8.86 41.17
CA SER A 30 -32.52 8.35 41.01
C SER A 30 -32.53 7.44 39.78
N ALA A 31 -33.15 6.28 39.89
CA ALA A 31 -33.26 5.40 38.73
C ALA A 31 -34.71 4.96 38.48
N PHE A 32 -35.14 5.07 37.23
CA PHE A 32 -36.47 4.63 36.83
C PHE A 32 -36.24 3.57 35.80
N LEU A 33 -36.34 2.33 36.23
CA LEU A 33 -36.05 1.20 35.37
C LEU A 33 -37.25 0.42 34.92
N GLY A 34 -37.19 -0.04 33.68
CA GLY A 34 -38.26 -0.84 33.12
C GLY A 34 -39.52 -0.09 32.78
N ILE A 35 -39.38 1.14 32.28
CA ILE A 35 -40.55 1.90 31.89
C ILE A 35 -41.00 1.41 30.51
N PRO A 36 -42.28 1.03 30.37
CA PRO A 36 -42.75 0.56 29.06
C PRO A 36 -42.96 1.73 28.09
N PHE A 37 -42.44 1.62 26.86
CA PHE A 37 -42.63 2.70 25.89
C PHE A 37 -43.37 2.20 24.66
N ALA A 38 -43.79 0.94 24.69
CA ALA A 38 -44.51 0.38 23.55
C ALA A 38 -45.38 -0.77 23.98
N GLU A 39 -46.37 -1.10 23.16
CA GLU A 39 -47.20 -2.24 23.49
C GLU A 39 -46.34 -3.45 23.21
N PRO A 40 -46.42 -4.47 24.07
CA PRO A 40 -45.60 -5.66 23.87
C PRO A 40 -45.75 -6.10 22.41
N PRO A 41 -44.64 -6.21 21.66
CA PRO A 41 -44.72 -6.62 20.27
C PRO A 41 -44.80 -8.14 20.14
N VAL A 42 -45.76 -8.73 20.83
CA VAL A 42 -45.95 -10.17 20.85
C VAL A 42 -47.10 -10.68 19.95
N GLY A 43 -47.17 -11.99 19.75
CA GLY A 43 -48.22 -12.59 18.95
C GLY A 43 -48.33 -12.04 17.54
N SER A 44 -49.47 -11.47 17.20
CA SER A 44 -49.66 -10.92 15.85
C SER A 44 -48.86 -9.65 15.60
N ARG A 45 -48.19 -9.15 16.64
CA ARG A 45 -47.38 -7.94 16.53
C ARG A 45 -45.93 -8.25 16.18
N ARG A 46 -45.57 -9.54 16.19
CA ARG A 46 -44.20 -9.94 15.87
C ARG A 46 -43.89 -9.48 14.45
N PHE A 47 -42.69 -8.93 14.25
CA PHE A 47 -42.24 -8.42 12.96
C PHE A 47 -42.86 -7.09 12.57
N MET A 48 -43.83 -6.62 13.35
CA MET A 48 -44.48 -5.35 13.04
C MET A 48 -43.92 -4.13 13.77
N PRO A 49 -44.11 -2.94 13.18
CA PRO A 49 -43.62 -1.70 13.79
C PRO A 49 -44.20 -1.60 15.21
N PRO A 50 -43.49 -0.94 16.13
CA PRO A 50 -44.01 -0.84 17.49
C PRO A 50 -45.16 0.17 17.55
N GLU A 51 -46.05 -0.04 18.51
CA GLU A 51 -47.18 0.87 18.74
C GLU A 51 -46.92 1.48 20.12
N PRO A 52 -47.22 2.77 20.28
CA PRO A 52 -46.98 3.41 21.59
C PRO A 52 -47.71 2.69 22.73
N LYS A 53 -47.09 2.65 23.90
CA LYS A 53 -47.67 2.02 25.07
C LYS A 53 -48.96 2.73 25.52
N ARG A 54 -50.02 1.96 25.74
CA ARG A 54 -51.27 2.55 26.19
C ARG A 54 -51.14 2.88 27.67
N PRO A 55 -51.74 4.01 28.11
CA PRO A 55 -51.69 4.45 29.51
C PRO A 55 -52.09 3.37 30.51
N TRP A 56 -51.49 3.41 31.69
CA TRP A 56 -51.81 2.42 32.72
C TRP A 56 -52.41 3.13 33.94
N SER A 57 -52.96 2.36 34.87
CA SER A 57 -53.54 2.97 36.05
C SER A 57 -52.66 2.67 37.25
N GLY A 58 -52.73 3.52 38.26
CA GLY A 58 -51.93 3.32 39.44
C GLY A 58 -50.50 3.74 39.22
N VAL A 59 -49.66 3.39 40.18
CA VAL A 59 -48.26 3.73 40.13
C VAL A 59 -47.49 2.49 39.65
N LEU A 60 -46.93 2.60 38.45
CA LEU A 60 -46.17 1.52 37.86
C LEU A 60 -44.82 1.44 38.59
N ASP A 61 -44.43 0.22 38.95
CA ASP A 61 -43.16 0.07 39.65
C ASP A 61 -41.99 0.07 38.67
N ALA A 62 -41.11 1.05 38.79
CA ALA A 62 -39.97 1.17 37.91
C ALA A 62 -38.66 1.09 38.72
N THR A 63 -38.57 0.06 39.53
CA THR A 63 -37.39 -0.13 40.37
C THR A 63 -36.45 -1.25 39.94
N THR A 64 -36.79 -1.99 38.87
CA THR A 64 -35.91 -3.05 38.40
C THR A 64 -35.93 -3.17 36.87
N PHE A 65 -34.84 -3.69 36.31
CA PHE A 65 -34.74 -3.85 34.87
C PHE A 65 -35.78 -4.83 34.38
N GLN A 66 -36.29 -4.59 33.19
CA GLN A 66 -37.28 -5.46 32.59
C GLN A 66 -36.60 -6.51 31.72
N ASN A 67 -37.42 -7.36 31.12
CA ASN A 67 -36.94 -8.43 30.26
C ASN A 67 -35.98 -7.97 29.17
N VAL A 68 -35.17 -8.91 28.71
CA VAL A 68 -34.22 -8.67 27.64
C VAL A 68 -34.91 -9.19 26.37
N CYS A 69 -34.73 -8.52 25.24
CA CYS A 69 -35.37 -8.98 24.02
C CYS A 69 -34.85 -10.34 23.65
N TYR A 70 -35.76 -11.20 23.17
CA TYR A 70 -35.39 -12.55 22.81
C TYR A 70 -34.20 -12.57 21.87
N GLN A 71 -33.16 -13.33 22.24
CA GLN A 71 -31.95 -13.36 21.44
C GLN A 71 -31.08 -14.59 21.65
N TYR A 72 -30.16 -14.79 20.71
CA TYR A 72 -29.20 -15.87 20.77
C TYR A 72 -28.29 -15.59 21.97
N VAL A 73 -27.95 -16.63 22.73
CA VAL A 73 -27.06 -16.49 23.90
C VAL A 73 -25.72 -17.17 23.56
N ASP A 74 -24.62 -16.45 23.75
CA ASP A 74 -23.30 -16.97 23.43
C ASP A 74 -22.84 -18.04 24.40
N THR A 75 -22.35 -19.14 23.85
CA THR A 75 -21.85 -20.24 24.67
C THR A 75 -20.47 -20.75 24.25
N LEU A 76 -19.80 -20.00 23.38
CA LEU A 76 -18.47 -20.36 22.89
C LEU A 76 -17.50 -20.65 24.02
N TYR A 77 -17.57 -19.86 25.09
CA TYR A 77 -16.68 -20.05 26.26
C TYR A 77 -17.44 -20.04 27.57
N PRO A 78 -18.10 -21.16 27.89
CA PRO A 78 -18.89 -21.32 29.12
C PRO A 78 -18.15 -20.89 30.40
N GLY A 79 -18.79 -20.01 31.19
CA GLY A 79 -18.19 -19.55 32.43
C GLY A 79 -17.20 -18.41 32.30
N PHE A 80 -16.80 -18.08 31.06
CA PHE A 80 -15.84 -17.02 30.81
C PHE A 80 -16.42 -15.60 30.90
N GLU A 81 -15.87 -14.80 31.81
CA GLU A 81 -16.32 -13.43 32.03
C GLU A 81 -16.27 -12.60 30.74
N GLY A 82 -15.24 -12.84 29.92
CA GLY A 82 -15.08 -12.09 28.70
C GLY A 82 -16.28 -12.15 27.77
N THR A 83 -16.99 -13.26 27.79
CA THR A 83 -18.17 -13.40 26.95
C THR A 83 -19.47 -13.22 27.76
N GLU A 84 -19.50 -13.73 28.99
CA GLU A 84 -20.68 -13.64 29.84
C GLU A 84 -21.12 -12.22 30.11
N MET A 85 -20.17 -11.30 30.20
CA MET A 85 -20.53 -9.91 30.48
C MET A 85 -21.44 -9.29 29.41
N TRP A 86 -21.57 -9.91 28.24
CA TRP A 86 -22.44 -9.38 27.19
C TRP A 86 -23.76 -10.17 27.09
N ASN A 87 -23.84 -11.30 27.79
CA ASN A 87 -25.04 -12.14 27.77
C ASN A 87 -26.22 -11.53 28.53
N PRO A 88 -27.45 -11.92 28.18
CA PRO A 88 -28.64 -11.38 28.86
C PRO A 88 -28.55 -11.59 30.38
N ASN A 89 -28.94 -10.57 31.15
CA ASN A 89 -28.88 -10.65 32.59
C ASN A 89 -30.28 -10.53 33.22
N ARG A 90 -31.27 -10.74 32.38
CA ARG A 90 -32.68 -10.73 32.81
C ARG A 90 -33.37 -11.77 31.93
N GLU A 91 -34.58 -12.14 32.26
CA GLU A 91 -35.31 -13.11 31.47
C GLU A 91 -35.50 -12.69 30.01
N LEU A 92 -35.39 -13.66 29.11
CA LEU A 92 -35.58 -13.42 27.69
C LEU A 92 -37.07 -13.46 27.37
N SER A 93 -37.53 -12.51 26.56
CA SER A 93 -38.94 -12.47 26.22
C SER A 93 -39.20 -11.53 25.05
N GLU A 94 -40.25 -11.80 24.30
CA GLU A 94 -40.60 -10.92 23.21
C GLU A 94 -41.23 -9.65 23.77
N ASP A 95 -41.66 -9.71 25.04
CA ASP A 95 -42.25 -8.57 25.72
C ASP A 95 -41.02 -7.91 26.34
N CYS A 96 -40.41 -7.01 25.58
CA CYS A 96 -39.16 -6.40 26.02
C CYS A 96 -38.97 -4.91 25.75
N LEU A 97 -39.99 -4.24 25.21
CA LEU A 97 -39.81 -2.84 24.90
C LEU A 97 -39.99 -1.94 26.13
N TYR A 98 -38.89 -1.74 26.85
CA TYR A 98 -38.87 -0.93 28.06
C TYR A 98 -37.61 -0.08 28.01
N LEU A 99 -37.60 1.05 28.71
CA LEU A 99 -36.42 1.90 28.73
C LEU A 99 -36.07 2.26 30.16
N ASN A 100 -34.90 2.84 30.35
CA ASN A 100 -34.41 3.18 31.69
C ASN A 100 -33.95 4.61 31.76
N VAL A 101 -34.09 5.21 32.92
CA VAL A 101 -33.67 6.60 33.11
C VAL A 101 -32.90 6.76 34.41
N TRP A 102 -31.77 7.45 34.35
CA TRP A 102 -30.96 7.72 35.53
C TRP A 102 -30.87 9.24 35.62
N THR A 103 -31.06 9.78 36.81
CA THR A 103 -30.94 11.23 36.98
C THR A 103 -30.34 11.48 38.34
N PRO A 104 -29.76 12.67 38.51
CA PRO A 104 -29.15 13.06 39.77
C PRO A 104 -30.19 12.95 40.89
N TYR A 105 -29.74 12.82 42.13
CA TYR A 105 -30.66 12.76 43.27
C TYR A 105 -30.24 13.84 44.26
N PRO A 106 -31.11 14.82 44.52
CA PRO A 106 -32.46 14.99 43.96
C PRO A 106 -32.42 15.46 42.52
N ARG A 107 -33.52 15.19 41.79
CA ARG A 107 -33.60 15.56 40.38
C ARG A 107 -33.24 17.01 40.16
N PRO A 108 -32.43 17.27 39.11
CA PRO A 108 -31.95 18.60 38.73
C PRO A 108 -32.99 19.74 38.72
N ALA A 109 -32.58 20.90 39.20
CA ALA A 109 -33.44 22.08 39.26
C ALA A 109 -33.71 22.69 37.86
N SER A 110 -32.67 22.80 37.03
CA SER A 110 -32.82 23.32 35.66
C SER A 110 -32.57 22.21 34.65
N PRO A 111 -33.21 22.29 33.46
CA PRO A 111 -33.10 21.32 32.36
C PRO A 111 -31.67 20.86 32.13
N THR A 112 -31.45 19.55 32.21
CA THR A 112 -30.13 18.98 32.04
C THR A 112 -29.98 18.24 30.72
N PRO A 113 -28.85 18.41 30.04
CA PRO A 113 -28.63 17.73 28.76
C PRO A 113 -28.86 16.22 28.94
N VAL A 114 -29.51 15.62 27.96
CA VAL A 114 -29.82 14.20 27.98
C VAL A 114 -28.90 13.36 27.08
N LEU A 115 -28.44 12.22 27.61
CA LEU A 115 -27.61 11.30 26.85
C LEU A 115 -28.43 10.03 26.66
N ILE A 116 -28.60 9.60 25.42
CA ILE A 116 -29.36 8.37 25.17
C ILE A 116 -28.42 7.30 24.59
N TRP A 117 -28.33 6.19 25.30
CA TRP A 117 -27.46 5.10 24.89
C TRP A 117 -28.18 4.03 24.09
N ILE A 118 -27.57 3.62 22.99
CA ILE A 118 -28.13 2.57 22.18
C ILE A 118 -27.09 1.47 22.14
N TYR A 119 -27.39 0.33 22.75
CA TYR A 119 -26.42 -0.77 22.78
C TYR A 119 -26.12 -1.48 21.46
N GLY A 120 -24.95 -2.13 21.43
CA GLY A 120 -24.51 -2.90 20.29
C GLY A 120 -24.77 -4.38 20.54
N GLY A 121 -24.25 -5.24 19.66
CA GLY A 121 -24.47 -6.68 19.75
C GLY A 121 -24.82 -7.23 18.37
N GLY A 122 -24.21 -6.65 17.34
CA GLY A 122 -24.41 -7.07 15.95
C GLY A 122 -25.85 -7.14 15.47
N PHE A 123 -26.75 -6.41 16.14
CA PHE A 123 -28.17 -6.40 15.82
C PHE A 123 -28.85 -7.71 16.14
N TYR A 124 -28.14 -8.63 16.80
CA TYR A 124 -28.73 -9.94 17.14
C TYR A 124 -28.74 -10.15 18.63
N SER A 125 -28.16 -9.20 19.37
CA SER A 125 -28.11 -9.36 20.83
C SER A 125 -27.90 -8.02 21.51
N GLY A 126 -27.92 -8.06 22.83
CA GLY A 126 -27.73 -6.86 23.58
C GLY A 126 -28.89 -6.59 24.51
N ALA A 127 -28.67 -5.61 25.39
CA ALA A 127 -29.67 -5.26 26.38
C ALA A 127 -29.22 -4.02 27.12
N ALA A 128 -30.16 -3.16 27.51
CA ALA A 128 -29.81 -1.95 28.20
C ALA A 128 -29.54 -2.18 29.70
N SER A 129 -29.73 -3.40 30.16
CA SER A 129 -29.52 -3.71 31.57
C SER A 129 -28.14 -4.31 31.93
N LEU A 130 -27.23 -4.39 30.95
CA LEU A 130 -25.90 -4.94 31.24
C LEU A 130 -25.16 -4.03 32.19
N ASP A 131 -24.29 -4.61 33.01
CA ASP A 131 -23.52 -3.82 33.97
C ASP A 131 -22.65 -2.71 33.36
N VAL A 132 -22.09 -2.93 32.15
CA VAL A 132 -21.26 -1.91 31.54
C VAL A 132 -22.03 -0.70 31.05
N TYR A 133 -23.36 -0.77 31.02
CA TYR A 133 -24.13 0.38 30.57
C TYR A 133 -24.81 1.05 31.78
N ASP A 134 -24.35 0.75 32.99
CA ASP A 134 -24.92 1.31 34.22
C ASP A 134 -24.80 2.83 34.18
N GLY A 135 -25.92 3.54 34.13
CA GLY A 135 -25.87 4.99 34.05
C GLY A 135 -25.67 5.78 35.35
N ARG A 136 -25.57 5.10 36.49
CA ARG A 136 -25.46 5.83 37.75
C ARG A 136 -24.25 6.75 37.88
N PHE A 137 -23.09 6.34 37.36
CA PHE A 137 -21.90 7.16 37.46
C PHE A 137 -21.99 8.47 36.66
N LEU A 138 -22.47 8.40 35.43
CA LEU A 138 -22.59 9.60 34.63
C LEU A 138 -23.61 10.55 35.28
N ALA A 139 -24.70 9.99 35.81
CA ALA A 139 -25.73 10.78 36.50
C ALA A 139 -25.19 11.45 37.77
N GLN A 140 -24.54 10.67 38.63
CA GLN A 140 -24.02 11.20 39.89
C GLN A 140 -22.86 12.18 39.70
N VAL A 141 -21.82 11.78 38.97
CA VAL A 141 -20.66 12.61 38.77
C VAL A 141 -20.79 13.80 37.84
N GLU A 142 -21.50 13.65 36.73
CA GLU A 142 -21.67 14.74 35.78
C GLU A 142 -23.07 15.38 35.82
N GLY A 143 -23.94 14.88 36.70
CA GLY A 143 -25.28 15.42 36.80
C GLY A 143 -26.05 15.23 35.50
N ALA A 144 -25.75 14.15 34.78
CA ALA A 144 -26.43 13.89 33.52
C ALA A 144 -27.73 13.10 33.66
N VAL A 145 -28.63 13.31 32.71
CA VAL A 145 -29.86 12.51 32.66
C VAL A 145 -29.55 11.47 31.55
N LEU A 146 -29.43 10.21 31.93
CA LEU A 146 -29.10 9.19 30.96
C LEU A 146 -30.26 8.25 30.72
N VAL A 147 -30.50 7.96 29.44
CA VAL A 147 -31.60 7.08 29.05
C VAL A 147 -31.07 5.96 28.18
N SER A 148 -31.54 4.73 28.40
CA SER A 148 -31.14 3.60 27.56
C SER A 148 -32.41 2.78 27.29
N MET A 149 -32.56 2.27 26.06
CA MET A 149 -33.74 1.48 25.72
C MET A 149 -33.43 0.11 25.15
N ASN A 150 -34.33 -0.83 25.36
CA ASN A 150 -34.18 -2.15 24.77
C ASN A 150 -34.82 -1.98 23.39
N TYR A 151 -34.31 -2.66 22.38
CA TYR A 151 -34.93 -2.64 21.06
C TYR A 151 -34.81 -4.06 20.53
N ARG A 152 -35.80 -4.50 19.76
CA ARG A 152 -35.79 -5.87 19.26
C ARG A 152 -34.58 -6.16 18.38
N VAL A 153 -34.02 -7.36 18.55
CA VAL A 153 -32.85 -7.80 17.79
C VAL A 153 -33.16 -9.09 17.05
N GLY A 154 -32.19 -9.54 16.27
CA GLY A 154 -32.37 -10.77 15.52
C GLY A 154 -33.56 -10.68 14.57
N THR A 155 -34.20 -11.83 14.35
CA THR A 155 -35.34 -11.89 13.45
C THR A 155 -36.47 -10.97 13.98
N PHE A 156 -36.72 -11.01 15.26
CA PHE A 156 -37.79 -10.21 15.86
C PHE A 156 -37.69 -8.75 15.50
N GLY A 157 -36.48 -8.21 15.41
CA GLY A 157 -36.35 -6.81 15.06
C GLY A 157 -35.91 -6.49 13.65
N PHE A 158 -35.45 -7.48 12.89
CA PHE A 158 -34.96 -7.19 11.55
C PHE A 158 -35.33 -8.12 10.41
N LEU A 159 -36.05 -9.19 10.69
CA LEU A 159 -36.44 -10.08 9.60
C LEU A 159 -37.38 -9.28 8.72
N ALA A 160 -37.13 -9.28 7.43
CA ALA A 160 -37.97 -8.49 6.56
C ALA A 160 -38.35 -9.12 5.23
N LEU A 161 -39.58 -8.86 4.82
CA LEU A 161 -40.07 -9.28 3.51
C LEU A 161 -40.40 -7.92 2.92
N PRO A 162 -39.38 -7.20 2.44
CA PRO A 162 -39.49 -5.86 1.85
C PRO A 162 -40.70 -5.68 0.92
N GLY A 163 -41.50 -4.64 1.21
CA GLY A 163 -42.68 -4.36 0.40
C GLY A 163 -43.93 -4.92 1.05
N SER A 164 -43.76 -5.91 1.92
CA SER A 164 -44.92 -6.48 2.60
C SER A 164 -45.41 -5.51 3.66
N ARG A 165 -46.56 -5.80 4.23
CA ARG A 165 -47.13 -4.94 5.26
C ARG A 165 -46.89 -5.56 6.64
N GLU A 166 -46.79 -6.88 6.69
CA GLU A 166 -46.60 -7.61 7.94
C GLU A 166 -45.15 -7.77 8.43
N ALA A 167 -44.17 -7.51 7.56
CA ALA A 167 -42.76 -7.60 7.95
C ALA A 167 -41.98 -6.62 7.09
N PRO A 168 -42.21 -5.32 7.28
CA PRO A 168 -41.54 -4.28 6.50
C PRO A 168 -40.04 -4.10 6.75
N GLY A 169 -39.53 -4.69 7.83
CA GLY A 169 -38.12 -4.56 8.13
C GLY A 169 -37.82 -3.31 8.98
N ASN A 170 -36.62 -3.29 9.57
CA ASN A 170 -36.16 -2.19 10.39
C ASN A 170 -37.02 -1.86 11.61
N VAL A 171 -37.87 -2.77 12.08
CA VAL A 171 -38.70 -2.46 13.23
C VAL A 171 -37.87 -2.23 14.49
N GLY A 172 -36.69 -2.86 14.56
CA GLY A 172 -35.84 -2.65 15.72
C GLY A 172 -35.37 -1.20 15.77
N LEU A 173 -35.17 -0.63 14.58
CA LEU A 173 -34.77 0.76 14.51
C LEU A 173 -35.96 1.63 14.90
N LEU A 174 -37.18 1.16 14.56
CA LEU A 174 -38.37 1.93 14.89
C LEU A 174 -38.58 1.89 16.38
N ASP A 175 -38.20 0.79 17.03
CA ASP A 175 -38.35 0.70 18.49
C ASP A 175 -37.49 1.80 19.09
N GLN A 176 -36.29 1.95 18.58
CA GLN A 176 -35.36 2.99 19.06
C GLN A 176 -35.98 4.38 18.83
N ARG A 177 -36.53 4.57 17.65
CA ARG A 177 -37.15 5.85 17.32
C ARG A 177 -38.32 6.16 18.28
N LEU A 178 -39.13 5.16 18.60
CA LEU A 178 -40.24 5.35 19.51
C LEU A 178 -39.71 5.77 20.89
N ALA A 179 -38.59 5.18 21.31
CA ALA A 179 -37.99 5.52 22.60
C ALA A 179 -37.48 6.97 22.52
N LEU A 180 -36.98 7.39 21.36
CA LEU A 180 -36.53 8.77 21.25
C LEU A 180 -37.74 9.74 21.34
N GLN A 181 -38.89 9.33 20.80
CA GLN A 181 -40.06 10.21 20.85
C GLN A 181 -40.55 10.28 22.29
N TRP A 182 -40.49 9.14 22.97
CA TRP A 182 -40.90 9.08 24.36
C TRP A 182 -40.05 10.06 25.15
N VAL A 183 -38.76 10.17 24.81
CA VAL A 183 -37.90 11.09 25.53
C VAL A 183 -38.34 12.54 25.27
N GLN A 184 -38.62 12.86 24.01
CA GLN A 184 -39.05 14.22 23.67
C GLN A 184 -40.25 14.61 24.48
N GLU A 185 -41.20 13.70 24.61
CA GLU A 185 -42.38 14.06 25.33
C GLU A 185 -42.29 14.01 26.84
N ASN A 186 -41.55 13.05 27.39
CA ASN A 186 -41.53 12.91 28.85
C ASN A 186 -40.26 13.22 29.62
N ILE A 187 -39.12 13.37 28.96
CA ILE A 187 -37.90 13.57 29.73
C ILE A 187 -37.90 14.80 30.67
N ALA A 188 -38.62 15.86 30.28
CA ALA A 188 -38.67 17.05 31.12
C ALA A 188 -39.17 16.70 32.53
N ALA A 189 -40.10 15.74 32.63
CA ALA A 189 -40.61 15.33 33.94
C ALA A 189 -39.51 14.87 34.87
N PHE A 190 -38.35 14.50 34.31
CA PHE A 190 -37.23 14.01 35.12
C PHE A 190 -36.14 15.06 35.24
N GLY A 191 -36.38 16.23 34.66
CA GLY A 191 -35.40 17.29 34.70
C GLY A 191 -34.47 17.31 33.50
N GLY A 192 -34.79 16.51 32.49
CA GLY A 192 -33.96 16.45 31.30
C GLY A 192 -34.40 17.51 30.31
N ASP A 193 -33.46 18.02 29.53
CA ASP A 193 -33.78 19.04 28.55
C ASP A 193 -34.03 18.37 27.21
N PRO A 194 -35.29 18.31 26.79
CA PRO A 194 -35.58 17.68 25.50
C PRO A 194 -34.94 18.41 24.32
N MET A 195 -34.47 19.62 24.55
CA MET A 195 -33.84 20.35 23.46
C MET A 195 -32.34 20.15 23.40
N SER A 196 -31.83 19.26 24.24
CA SER A 196 -30.40 18.94 24.21
C SER A 196 -30.28 17.42 24.46
N VAL A 197 -30.42 16.67 23.37
CA VAL A 197 -30.37 15.21 23.43
C VAL A 197 -29.23 14.72 22.57
N THR A 198 -28.31 13.99 23.18
CA THR A 198 -27.17 13.41 22.46
C THR A 198 -27.33 11.88 22.43
N LEU A 199 -27.32 11.29 21.24
CA LEU A 199 -27.40 9.83 21.11
C LEU A 199 -25.97 9.30 21.07
N PHE A 200 -25.71 8.23 21.80
CA PHE A 200 -24.40 7.60 21.71
C PHE A 200 -24.61 6.09 21.75
N GLY A 201 -23.74 5.37 21.08
CA GLY A 201 -23.88 3.93 21.04
C GLY A 201 -22.58 3.33 20.53
N GLU A 202 -22.47 2.02 20.68
CA GLU A 202 -21.27 1.36 20.24
C GLU A 202 -21.58 0.19 19.33
N SER A 203 -20.73 0.00 18.33
CA SER A 203 -20.90 -1.08 17.37
C SER A 203 -22.24 -1.01 16.62
N ALA A 204 -23.12 -1.99 16.78
CA ALA A 204 -24.42 -1.95 16.09
C ALA A 204 -25.21 -0.73 16.63
N GLY A 205 -24.92 -0.37 17.88
CA GLY A 205 -25.53 0.78 18.50
C GLY A 205 -25.04 2.04 17.78
N ALA A 206 -23.75 2.07 17.44
CA ALA A 206 -23.19 3.20 16.73
C ALA A 206 -23.78 3.21 15.33
N ALA A 207 -23.90 2.04 14.72
CA ALA A 207 -24.47 1.99 13.39
C ALA A 207 -25.89 2.56 13.48
N SER A 208 -26.58 2.19 14.55
CA SER A 208 -27.96 2.64 14.77
C SER A 208 -28.00 4.16 14.82
N VAL A 209 -27.14 4.74 15.66
CA VAL A 209 -27.07 6.18 15.79
C VAL A 209 -26.90 6.78 14.39
N GLY A 210 -25.97 6.21 13.61
CA GLY A 210 -25.73 6.71 12.26
C GLY A 210 -26.97 6.61 11.40
N MET A 211 -27.78 5.58 11.59
CA MET A 211 -28.97 5.49 10.80
C MET A 211 -30.05 6.52 11.20
N HIS A 212 -30.05 6.95 12.46
CA HIS A 212 -30.99 7.96 12.88
C HIS A 212 -30.54 9.28 12.26
N ILE A 213 -29.24 9.44 12.07
CA ILE A 213 -28.72 10.64 11.44
C ILE A 213 -29.17 10.67 9.98
N LEU A 214 -29.30 9.50 9.37
CA LEU A 214 -29.66 9.41 7.96
C LEU A 214 -31.13 9.24 7.67
N SER A 215 -31.97 9.18 8.70
CA SER A 215 -33.40 8.99 8.48
C SER A 215 -34.10 10.24 8.99
N LEU A 216 -34.61 11.05 8.06
CA LEU A 216 -35.27 12.33 8.40
C LEU A 216 -36.19 12.35 9.62
N PRO A 217 -37.17 11.43 9.69
CA PRO A 217 -38.08 11.40 10.83
C PRO A 217 -37.37 11.30 12.20
N SER A 218 -36.12 10.88 12.24
CA SER A 218 -35.40 10.79 13.52
C SER A 218 -34.64 12.07 13.85
N ARG A 219 -34.31 12.84 12.82
CA ARG A 219 -33.52 14.07 13.00
C ARG A 219 -34.07 15.12 13.94
N SER A 220 -35.39 15.16 14.12
CA SER A 220 -36.01 16.13 15.02
C SER A 220 -36.04 15.60 16.46
N LEU A 221 -35.52 14.39 16.68
CA LEU A 221 -35.56 13.82 18.03
C LEU A 221 -34.24 13.91 18.76
N PHE A 222 -33.21 14.41 18.09
CA PHE A 222 -31.91 14.55 18.76
C PHE A 222 -31.09 15.65 18.15
N HIS A 223 -30.03 16.05 18.83
CA HIS A 223 -29.22 17.15 18.35
C HIS A 223 -27.75 16.84 18.10
N ARG A 224 -27.20 15.87 18.82
CA ARG A 224 -25.79 15.51 18.69
C ARG A 224 -25.64 13.98 18.69
N ALA A 225 -24.52 13.49 18.19
CA ALA A 225 -24.34 12.07 18.12
C ALA A 225 -22.91 11.61 18.29
N VAL A 226 -22.78 10.44 18.93
CA VAL A 226 -21.52 9.78 19.17
C VAL A 226 -21.60 8.35 18.61
N LEU A 227 -20.64 8.00 17.77
CA LEU A 227 -20.59 6.68 17.17
C LEU A 227 -19.29 6.04 17.60
N GLN A 228 -19.36 5.04 18.47
CA GLN A 228 -18.17 4.34 18.95
C GLN A 228 -18.00 2.99 18.22
N SER A 229 -16.92 2.85 17.44
CA SER A 229 -16.63 1.60 16.76
C SER A 229 -17.80 1.05 15.94
N GLY A 230 -18.38 1.89 15.09
CA GLY A 230 -19.51 1.45 14.29
C GLY A 230 -20.00 2.57 13.40
N THR A 231 -20.62 2.19 12.29
CA THR A 231 -21.11 3.16 11.33
C THR A 231 -22.26 2.57 10.54
N PRO A 232 -23.14 3.44 10.00
CA PRO A 232 -24.27 2.92 9.22
C PRO A 232 -23.78 2.42 7.85
N ASN A 233 -22.70 3.01 7.35
CA ASN A 233 -22.08 2.55 6.10
C ASN A 233 -21.18 1.38 6.52
N GLY A 234 -20.59 0.69 5.54
CA GLY A 234 -19.75 -0.44 5.89
C GLY A 234 -20.36 -1.75 5.41
N PRO A 235 -19.61 -2.86 5.44
CA PRO A 235 -20.07 -4.18 4.97
C PRO A 235 -21.03 -5.03 5.80
N TRP A 236 -21.29 -4.65 7.03
CA TRP A 236 -22.15 -5.47 7.88
C TRP A 236 -23.43 -4.84 8.45
N ALA A 237 -23.48 -3.51 8.56
CA ALA A 237 -24.64 -2.85 9.17
C ALA A 237 -25.98 -2.87 8.39
N THR A 238 -25.94 -3.11 7.07
CA THR A 238 -27.18 -3.19 6.30
C THR A 238 -27.10 -4.31 5.25
N VAL A 239 -28.24 -4.61 4.65
CA VAL A 239 -28.34 -5.57 3.56
C VAL A 239 -29.34 -4.93 2.60
N SER A 240 -29.30 -5.39 1.35
CA SER A 240 -30.18 -4.90 0.30
C SER A 240 -31.53 -5.56 0.54
N ALA A 241 -32.59 -5.01 -0.04
CA ALA A 241 -33.92 -5.59 0.12
C ALA A 241 -33.88 -7.02 -0.40
N GLY A 242 -33.23 -7.22 -1.54
CA GLY A 242 -33.15 -8.56 -2.10
C GLY A 242 -32.53 -9.55 -1.15
N GLU A 243 -31.42 -9.17 -0.52
CA GLU A 243 -30.72 -10.08 0.38
C GLU A 243 -31.56 -10.37 1.63
N ALA A 244 -32.25 -9.36 2.13
CA ALA A 244 -33.08 -9.58 3.33
C ALA A 244 -34.22 -10.56 2.98
N ARG A 245 -34.80 -10.38 1.79
CA ARG A 245 -35.88 -11.26 1.34
C ARG A 245 -35.36 -12.69 1.29
N ARG A 246 -34.21 -12.84 0.66
CA ARG A 246 -33.63 -14.16 0.56
C ARG A 246 -33.45 -14.82 1.95
N ARG A 247 -32.82 -14.10 2.87
CA ARG A 247 -32.59 -14.65 4.21
C ARG A 247 -33.86 -14.98 4.94
N ALA A 248 -34.85 -14.10 4.82
CA ALA A 248 -36.11 -14.34 5.51
C ALA A 248 -36.82 -15.56 4.96
N THR A 249 -36.88 -15.69 3.63
CA THR A 249 -37.59 -16.86 3.13
C THR A 249 -36.80 -18.13 3.43
N LEU A 250 -35.47 -18.05 3.41
CA LEU A 250 -34.66 -19.23 3.73
C LEU A 250 -34.92 -19.63 5.17
N LEU A 251 -34.97 -18.64 6.06
CA LEU A 251 -35.22 -18.97 7.47
C LEU A 251 -36.61 -19.58 7.61
N ALA A 252 -37.56 -19.07 6.83
CA ALA A 252 -38.93 -19.58 6.85
C ALA A 252 -38.87 -21.07 6.48
N ARG A 253 -38.19 -21.40 5.39
CA ARG A 253 -38.09 -22.81 5.01
C ARG A 253 -37.49 -23.63 6.15
N LEU A 254 -36.38 -23.16 6.72
CA LEU A 254 -35.72 -23.89 7.80
C LEU A 254 -36.61 -24.25 8.97
N VAL A 255 -37.66 -23.48 9.22
CA VAL A 255 -38.53 -23.81 10.35
C VAL A 255 -39.89 -24.41 9.94
N GLY A 256 -40.01 -24.77 8.67
CA GLY A 256 -41.25 -25.36 8.19
C GLY A 256 -42.29 -24.40 7.64
N CYS A 257 -41.86 -23.25 7.18
CA CYS A 257 -42.80 -22.28 6.67
C CYS A 257 -42.51 -21.99 5.22
N PRO A 258 -43.56 -22.13 4.39
CA PRO A 258 -44.67 -22.27 3.46
C PRO A 258 -45.41 -23.58 3.75
N ASN A 265 -46.46 -15.80 -1.77
CA ASN A 265 -47.30 -14.85 -1.04
C ASN A 265 -46.76 -14.57 0.37
N ASP A 266 -46.40 -13.31 0.63
CA ASP A 266 -45.82 -12.94 1.92
C ASP A 266 -46.71 -13.10 3.14
N THR A 267 -47.99 -12.76 3.02
CA THR A 267 -48.90 -12.86 4.17
C THR A 267 -48.89 -14.25 4.79
N GLU A 268 -48.98 -15.28 3.95
CA GLU A 268 -48.99 -16.67 4.42
C GLU A 268 -47.72 -17.03 5.18
N LEU A 269 -46.59 -16.68 4.58
CA LEU A 269 -45.25 -16.96 5.12
C LEU A 269 -45.07 -16.32 6.50
N ILE A 270 -45.30 -15.03 6.56
CA ILE A 270 -45.17 -14.30 7.81
C ILE A 270 -46.14 -14.83 8.85
N ALA A 271 -47.37 -15.12 8.44
CA ALA A 271 -48.33 -15.62 9.40
C ALA A 271 -47.83 -16.92 10.04
N CYS A 272 -47.23 -17.79 9.23
CA CYS A 272 -46.68 -19.07 9.69
C CYS A 272 -45.50 -18.81 10.61
N LEU A 273 -44.62 -17.88 10.22
CA LEU A 273 -43.49 -17.52 11.07
C LEU A 273 -43.99 -17.04 12.44
N ARG A 274 -45.13 -16.33 12.46
CA ARG A 274 -45.62 -15.83 13.73
C ARG A 274 -46.08 -16.94 14.64
N THR A 275 -46.41 -18.10 14.08
CA THR A 275 -46.87 -19.21 14.91
C THR A 275 -45.72 -19.98 15.52
N ARG A 276 -44.51 -19.70 15.07
CA ARG A 276 -43.33 -20.40 15.58
C ARG A 276 -42.81 -19.90 16.92
N PRO A 277 -42.35 -20.81 17.77
CA PRO A 277 -41.82 -20.46 19.09
C PRO A 277 -40.61 -19.55 18.88
N ALA A 278 -40.39 -18.58 19.76
CA ALA A 278 -39.28 -17.67 19.63
C ALA A 278 -37.93 -18.40 19.52
N GLN A 279 -37.72 -19.39 20.38
CA GLN A 279 -36.47 -20.14 20.39
C GLN A 279 -36.19 -20.87 19.08
N ASP A 280 -37.24 -21.24 18.34
CA ASP A 280 -37.03 -21.92 17.06
C ASP A 280 -36.43 -20.95 16.07
N LEU A 281 -36.85 -19.69 16.13
CA LEU A 281 -36.33 -18.70 15.19
C LEU A 281 -34.86 -18.44 15.49
N VAL A 282 -34.54 -18.32 16.78
CA VAL A 282 -33.16 -18.09 17.20
C VAL A 282 -32.27 -19.28 16.82
N ASP A 283 -32.77 -20.50 17.02
CA ASP A 283 -32.00 -21.70 16.67
C ASP A 283 -31.57 -21.79 15.20
N HIS A 284 -32.26 -21.13 14.28
CA HIS A 284 -31.86 -21.20 12.88
C HIS A 284 -31.32 -19.90 12.31
N GLU A 285 -31.31 -18.87 13.14
CA GLU A 285 -30.86 -17.53 12.75
C GLU A 285 -29.54 -17.49 11.97
N TRP A 286 -28.54 -18.19 12.50
CA TRP A 286 -27.23 -18.20 11.85
C TRP A 286 -27.10 -19.02 10.57
N HIS A 287 -28.08 -19.86 10.26
CA HIS A 287 -27.99 -20.69 9.07
C HIS A 287 -28.36 -20.01 7.76
N VAL A 288 -28.61 -18.71 7.78
CA VAL A 288 -28.97 -18.03 6.54
C VAL A 288 -27.88 -17.17 5.94
N LEU A 289 -26.72 -17.06 6.60
CA LEU A 289 -25.63 -16.24 6.03
C LEU A 289 -25.13 -16.85 4.72
N PRO A 290 -24.90 -16.02 3.71
CA PRO A 290 -24.44 -16.46 2.39
C PRO A 290 -23.14 -17.26 2.31
N GLN A 291 -22.13 -16.89 3.10
CA GLN A 291 -20.85 -17.62 3.08
C GLN A 291 -20.32 -17.77 4.50
N GLU A 292 -19.27 -18.57 4.64
CA GLU A 292 -18.63 -18.75 5.94
C GLU A 292 -18.04 -17.37 6.22
N SER A 293 -18.16 -16.88 7.44
CA SER A 293 -17.65 -15.54 7.69
C SER A 293 -17.63 -15.13 9.14
N ILE A 294 -17.01 -13.99 9.40
CA ILE A 294 -17.04 -13.41 10.73
C ILE A 294 -17.44 -11.95 10.51
N PHE A 295 -17.91 -11.31 11.57
CA PHE A 295 -18.38 -9.92 11.49
C PHE A 295 -19.48 -9.73 10.43
N ARG A 296 -20.37 -10.72 10.36
CA ARG A 296 -21.54 -10.69 9.48
C ARG A 296 -22.68 -11.20 10.34
N PHE A 297 -23.82 -10.54 10.25
CA PHE A 297 -24.96 -10.89 11.07
C PHE A 297 -26.17 -11.08 10.19
N SER A 298 -26.94 -12.12 10.49
CA SER A 298 -28.10 -12.48 9.71
C SER A 298 -29.20 -11.46 9.45
N PHE A 299 -29.72 -10.86 10.52
CA PHE A 299 -30.80 -9.90 10.36
C PHE A 299 -30.42 -8.53 10.87
N VAL A 300 -30.16 -7.65 9.91
CA VAL A 300 -29.74 -6.30 10.19
C VAL A 300 -30.62 -5.28 9.45
N PRO A 301 -30.33 -3.98 9.62
CA PRO A 301 -31.15 -2.99 8.90
C PRO A 301 -31.15 -3.23 7.39
N VAL A 302 -32.32 -3.09 6.78
CA VAL A 302 -32.46 -3.28 5.36
C VAL A 302 -32.67 -1.93 4.64
N VAL A 303 -32.07 -1.78 3.46
CA VAL A 303 -32.26 -0.55 2.69
C VAL A 303 -33.63 -0.75 2.03
N ASP A 304 -34.67 -0.31 2.75
CA ASP A 304 -36.06 -0.46 2.35
C ASP A 304 -36.60 0.66 1.51
N GLY A 305 -35.83 1.73 1.36
CA GLY A 305 -36.33 2.85 0.59
C GLY A 305 -37.40 3.61 1.37
N ASP A 306 -37.47 3.37 2.69
CA ASP A 306 -38.41 4.03 3.61
C ASP A 306 -37.59 4.60 4.77
N PHE A 307 -37.32 3.79 5.81
CA PHE A 307 -36.48 4.25 6.92
C PHE A 307 -35.14 4.71 6.32
N LEU A 308 -34.63 3.92 5.38
CA LEU A 308 -33.39 4.26 4.68
C LEU A 308 -33.80 4.50 3.21
N SER A 309 -33.89 5.77 2.82
CA SER A 309 -34.32 6.11 1.47
C SER A 309 -33.35 5.58 0.42
N ASP A 310 -32.09 5.37 0.80
CA ASP A 310 -31.10 4.85 -0.13
C ASP A 310 -30.01 4.15 0.71
N THR A 311 -28.92 3.68 0.10
CA THR A 311 -27.88 3.01 0.87
C THR A 311 -27.17 4.03 1.76
N PRO A 312 -26.64 3.60 2.92
CA PRO A 312 -25.97 4.59 3.75
C PRO A 312 -24.82 5.26 2.99
N GLU A 313 -24.23 4.53 2.05
CA GLU A 313 -23.14 5.07 1.27
C GLU A 313 -23.63 6.25 0.42
N ALA A 314 -24.74 6.06 -0.28
CA ALA A 314 -25.28 7.13 -1.08
C ALA A 314 -25.62 8.31 -0.19
N LEU A 315 -26.34 8.04 0.90
CA LEU A 315 -26.77 9.09 1.82
C LEU A 315 -25.63 9.89 2.47
N ILE A 316 -24.53 9.25 2.83
CA ILE A 316 -23.46 10.05 3.42
C ILE A 316 -22.64 10.78 2.35
N ASN A 317 -22.75 10.37 1.08
CA ASN A 317 -22.02 11.03 0.02
C ASN A 317 -22.77 12.25 -0.48
N THR A 318 -24.08 12.27 -0.31
CA THR A 318 -24.88 13.38 -0.81
C THR A 318 -25.68 14.11 0.26
N GLY A 319 -25.40 13.84 1.53
CA GLY A 319 -26.15 14.49 2.56
C GLY A 319 -25.59 15.84 2.98
N ASP A 320 -26.47 16.67 3.51
CA ASP A 320 -26.09 17.99 4.01
C ASP A 320 -26.10 17.84 5.53
N PHE A 321 -24.93 17.94 6.14
CA PHE A 321 -24.82 17.78 7.60
C PHE A 321 -24.37 19.07 8.26
N GLN A 322 -24.91 20.18 7.77
CA GLN A 322 -24.61 21.53 8.25
C GLN A 322 -24.63 21.73 9.76
N ASP A 323 -25.78 21.50 10.38
CA ASP A 323 -25.88 21.72 11.81
C ASP A 323 -25.82 20.46 12.65
N LEU A 324 -24.75 19.69 12.45
CA LEU A 324 -24.57 18.43 13.16
C LEU A 324 -23.20 18.32 13.80
N GLN A 325 -23.18 17.95 15.08
CA GLN A 325 -21.90 17.75 15.75
C GLN A 325 -21.82 16.26 16.05
N VAL A 326 -20.71 15.66 15.65
CA VAL A 326 -20.54 14.23 15.84
C VAL A 326 -19.18 13.89 16.41
N LEU A 327 -19.18 12.92 17.32
CA LEU A 327 -17.96 12.44 17.92
C LEU A 327 -17.85 10.97 17.46
N VAL A 328 -16.74 10.61 16.83
CA VAL A 328 -16.55 9.24 16.35
C VAL A 328 -15.19 8.67 16.72
N GLY A 329 -15.09 7.35 16.81
CA GLY A 329 -13.80 6.78 17.14
C GLY A 329 -13.76 5.28 17.11
N VAL A 330 -12.58 4.74 17.35
CA VAL A 330 -12.36 3.31 17.31
C VAL A 330 -11.42 2.92 18.43
N VAL A 331 -11.34 1.61 18.73
CA VAL A 331 -10.41 1.13 19.75
C VAL A 331 -9.19 0.61 19.01
N LYS A 332 -8.10 0.39 19.73
CA LYS A 332 -6.85 -0.06 19.12
C LYS A 332 -6.91 -1.36 18.34
N ASP A 333 -7.70 -2.32 18.82
CA ASP A 333 -7.77 -3.60 18.09
C ASP A 333 -9.20 -4.06 17.78
N GLU A 334 -9.83 -3.37 16.84
CA GLU A 334 -11.22 -3.67 16.49
C GLU A 334 -11.47 -5.13 16.07
N GLY A 335 -10.53 -5.75 15.38
CA GLY A 335 -10.74 -7.09 14.91
C GLY A 335 -10.38 -8.30 15.74
N SER A 336 -9.50 -8.16 16.73
CA SER A 336 -9.06 -9.32 17.50
C SER A 336 -10.17 -10.24 17.94
N TYR A 337 -11.11 -9.69 18.69
CA TYR A 337 -12.29 -10.37 19.23
C TYR A 337 -12.95 -11.38 18.25
N PHE A 338 -13.24 -10.91 17.05
CA PHE A 338 -13.93 -11.70 16.04
C PHE A 338 -13.21 -12.92 15.48
N LEU A 339 -11.89 -12.92 15.55
CA LEU A 339 -11.10 -14.01 15.02
C LEU A 339 -11.39 -15.35 15.70
N VAL A 340 -11.65 -15.34 16.99
CA VAL A 340 -11.91 -16.60 17.70
C VAL A 340 -13.28 -17.18 17.43
N TYR A 341 -14.11 -16.44 16.70
CA TYR A 341 -15.46 -16.92 16.36
C TYR A 341 -15.55 -17.51 14.95
N GLY A 342 -14.47 -18.07 14.42
CA GLY A 342 -14.57 -18.64 13.09
C GLY A 342 -13.34 -18.71 12.20
N VAL A 343 -12.24 -18.08 12.59
CA VAL A 343 -11.05 -18.20 11.76
C VAL A 343 -10.20 -19.32 12.35
N PRO A 344 -9.95 -20.37 11.57
CA PRO A 344 -9.15 -21.50 12.06
C PRO A 344 -7.77 -21.05 12.49
N GLY A 345 -7.36 -21.50 13.68
CA GLY A 345 -6.06 -21.15 14.20
C GLY A 345 -6.10 -20.15 15.33
N PHE A 346 -7.25 -19.48 15.51
CA PHE A 346 -7.37 -18.50 16.57
C PHE A 346 -8.15 -19.00 17.75
N SER A 347 -7.62 -18.72 18.93
CA SER A 347 -8.23 -19.14 20.18
C SER A 347 -7.89 -18.16 21.28
N LYS A 348 -8.74 -18.05 22.29
CA LYS A 348 -8.44 -17.11 23.36
C LYS A 348 -7.47 -17.77 24.33
N ASP A 349 -7.33 -19.09 24.18
CA ASP A 349 -6.46 -19.84 25.10
C ASP A 349 -5.00 -20.08 24.74
N ASN A 350 -4.57 -19.63 23.56
CA ASN A 350 -3.16 -19.73 23.17
C ASN A 350 -2.78 -18.45 22.43
N GLU A 351 -1.52 -18.32 22.06
CA GLU A 351 -1.00 -17.12 21.38
C GLU A 351 -1.54 -16.86 19.98
N SER A 352 -2.18 -17.87 19.42
CA SER A 352 -2.77 -17.78 18.10
C SER A 352 -1.80 -17.42 16.99
N LEU A 353 -0.55 -17.86 17.12
CA LEU A 353 0.45 -17.63 16.08
C LEU A 353 -0.03 -18.45 14.89
N ILE A 354 -0.19 -17.85 13.74
CA ILE A 354 -0.68 -18.60 12.60
C ILE A 354 0.27 -18.67 11.43
N SER A 355 0.01 -19.60 10.54
CA SER A 355 0.83 -19.81 9.35
C SER A 355 0.35 -18.89 8.24
N ARG A 356 1.15 -18.78 7.19
CA ARG A 356 0.74 -17.94 6.09
C ARG A 356 -0.50 -18.52 5.41
N ALA A 357 -0.58 -19.84 5.35
CA ALA A 357 -1.74 -20.48 4.74
C ALA A 357 -3.01 -20.16 5.54
N GLN A 358 -2.92 -20.23 6.87
CA GLN A 358 -4.07 -19.93 7.71
C GLN A 358 -4.49 -18.48 7.47
N PHE A 359 -3.51 -17.61 7.24
CA PHE A 359 -3.77 -16.20 6.97
C PHE A 359 -4.59 -16.05 5.68
N LEU A 360 -4.15 -16.66 4.59
CA LEU A 360 -4.90 -16.52 3.34
C LEU A 360 -6.31 -17.05 3.51
N ALA A 361 -6.45 -18.13 4.29
CA ALA A 361 -7.76 -18.70 4.52
C ALA A 361 -8.61 -17.76 5.42
N GLY A 362 -7.98 -17.14 6.41
CA GLY A 362 -8.69 -16.23 7.30
C GLY A 362 -9.23 -15.03 6.53
N VAL A 363 -8.47 -14.56 5.56
CA VAL A 363 -8.86 -13.44 4.74
C VAL A 363 -10.14 -13.75 3.96
N ARG A 364 -10.28 -14.99 3.50
CA ARG A 364 -11.50 -15.32 2.75
C ARG A 364 -12.71 -15.30 3.66
N ILE A 365 -12.50 -15.65 4.93
CA ILE A 365 -13.57 -15.64 5.90
C ILE A 365 -13.81 -14.21 6.43
N GLY A 366 -12.73 -13.44 6.55
CA GLY A 366 -12.82 -12.09 7.05
C GLY A 366 -13.33 -11.08 6.04
N VAL A 367 -13.17 -11.37 4.75
CA VAL A 367 -13.64 -10.48 3.72
C VAL A 367 -14.45 -11.40 2.80
N PRO A 368 -15.49 -12.03 3.36
CA PRO A 368 -16.37 -12.97 2.67
C PRO A 368 -16.91 -12.56 1.32
N GLN A 369 -17.11 -11.27 1.11
CA GLN A 369 -17.64 -10.81 -0.18
C GLN A 369 -16.58 -10.52 -1.23
N ALA A 370 -15.30 -10.76 -0.90
CA ALA A 370 -14.20 -10.50 -1.82
C ALA A 370 -13.93 -11.59 -2.83
N SER A 371 -13.59 -11.17 -4.04
CA SER A 371 -13.27 -12.08 -5.12
C SER A 371 -11.88 -12.63 -4.84
N ASP A 372 -11.37 -13.47 -5.73
CA ASP A 372 -10.04 -14.03 -5.55
C ASP A 372 -8.98 -12.93 -5.74
N LEU A 373 -9.22 -12.07 -6.73
CA LEU A 373 -8.30 -10.98 -7.02
C LEU A 373 -8.28 -10.00 -5.83
N ALA A 374 -9.47 -9.67 -5.32
CA ALA A 374 -9.59 -8.75 -4.19
C ALA A 374 -8.93 -9.33 -2.94
N ALA A 375 -9.14 -10.62 -2.69
CA ALA A 375 -8.53 -11.27 -1.53
C ALA A 375 -7.01 -11.22 -1.66
N GLU A 376 -6.51 -11.43 -2.86
CA GLU A 376 -5.07 -11.41 -3.07
C GLU A 376 -4.56 -10.01 -2.80
N ALA A 377 -5.34 -9.00 -3.20
CA ALA A 377 -4.95 -7.61 -2.97
C ALA A 377 -4.81 -7.35 -1.47
N VAL A 378 -5.75 -7.89 -0.69
CA VAL A 378 -5.72 -7.71 0.75
C VAL A 378 -4.48 -8.35 1.32
N VAL A 379 -4.22 -9.58 0.89
CA VAL A 379 -3.06 -10.34 1.35
C VAL A 379 -1.75 -9.63 1.03
N LEU A 380 -1.66 -9.13 -0.18
CA LEU A 380 -0.44 -8.45 -0.61
C LEU A 380 -0.23 -7.14 0.13
N HIS A 381 -1.32 -6.48 0.49
CA HIS A 381 -1.26 -5.21 1.21
C HIS A 381 -0.90 -5.39 2.69
N TYR A 382 -1.45 -6.43 3.32
CA TYR A 382 -1.19 -6.66 4.73
C TYR A 382 0.04 -7.48 5.03
N THR A 383 0.55 -8.19 4.04
CA THR A 383 1.77 -8.97 4.22
C THR A 383 2.93 -8.03 4.50
N ASP A 384 3.78 -8.38 5.46
CA ASP A 384 4.98 -7.59 5.75
C ASP A 384 6.06 -8.29 4.91
N TRP A 385 6.42 -7.72 3.77
CA TRP A 385 7.39 -8.43 2.94
C TRP A 385 8.81 -8.66 3.46
N LEU A 386 9.13 -8.10 4.61
CA LEU A 386 10.42 -8.34 5.22
C LEU A 386 10.36 -9.64 6.01
N HIS A 387 9.18 -9.99 6.53
CA HIS A 387 8.99 -11.23 7.29
C HIS A 387 7.61 -11.79 6.93
N PRO A 388 7.43 -12.17 5.65
CA PRO A 388 6.18 -12.72 5.14
C PRO A 388 5.67 -14.00 5.76
N GLU A 389 6.51 -14.67 6.53
CA GLU A 389 6.11 -15.94 7.15
C GLU A 389 6.06 -15.89 8.66
N ASP A 390 6.40 -14.73 9.23
CA ASP A 390 6.40 -14.57 10.68
C ASP A 390 4.99 -14.75 11.24
N PRO A 391 4.80 -15.75 12.11
CA PRO A 391 3.52 -16.07 12.74
C PRO A 391 2.88 -14.93 13.51
N THR A 392 3.68 -14.19 14.27
CA THR A 392 3.19 -13.10 15.06
C THR A 392 2.65 -11.98 14.15
N HIS A 393 3.37 -11.63 13.10
CA HIS A 393 2.89 -10.58 12.23
C HIS A 393 1.63 -11.02 11.49
N LEU A 394 1.57 -12.29 11.09
CA LEU A 394 0.42 -12.78 10.36
C LEU A 394 -0.82 -12.75 11.23
N ARG A 395 -0.65 -13.15 12.49
CA ARG A 395 -1.74 -13.12 13.44
C ARG A 395 -2.24 -11.69 13.60
N ASP A 396 -1.33 -10.75 13.85
CA ASP A 396 -1.71 -9.35 14.01
C ASP A 396 -2.27 -8.76 12.72
N ALA A 397 -1.82 -9.28 11.59
CA ALA A 397 -2.32 -8.75 10.31
C ALA A 397 -3.76 -9.19 10.05
N MET A 398 -4.08 -10.41 10.47
CA MET A 398 -5.42 -10.96 10.30
C MET A 398 -6.41 -10.10 11.14
N SER A 399 -5.95 -9.70 12.32
CA SER A 399 -6.75 -8.89 13.20
C SER A 399 -7.00 -7.53 12.54
N ALA A 400 -5.93 -6.93 12.01
CA ALA A 400 -6.03 -5.63 11.33
C ALA A 400 -6.96 -5.65 10.11
N VAL A 401 -6.89 -6.72 9.33
CA VAL A 401 -7.76 -6.84 8.16
C VAL A 401 -9.22 -6.76 8.60
N VAL A 402 -9.60 -7.57 9.58
CA VAL A 402 -10.97 -7.59 10.04
C VAL A 402 -11.36 -6.24 10.68
N GLY A 403 -10.48 -5.69 11.50
CA GLY A 403 -10.77 -4.41 12.13
C GLY A 403 -10.89 -3.27 11.13
N ASP A 404 -9.96 -3.20 10.19
CA ASP A 404 -9.98 -2.12 9.20
C ASP A 404 -11.17 -2.18 8.23
N HIS A 405 -11.46 -3.39 7.75
CA HIS A 405 -12.55 -3.58 6.81
C HIS A 405 -13.93 -3.30 7.43
N ASN A 406 -14.13 -3.74 8.67
CA ASN A 406 -15.42 -3.57 9.34
C ASN A 406 -15.63 -2.31 10.19
N VAL A 407 -14.57 -1.72 10.73
CA VAL A 407 -14.76 -0.56 11.59
C VAL A 407 -13.93 0.66 11.25
N VAL A 408 -12.61 0.54 11.39
CA VAL A 408 -11.71 1.65 11.15
C VAL A 408 -11.91 2.39 9.84
N CYS A 409 -11.85 1.69 8.71
CA CYS A 409 -12.02 2.38 7.44
C CYS A 409 -13.44 2.86 7.22
N PRO A 410 -14.44 2.12 7.71
CA PRO A 410 -15.79 2.65 7.50
C PRO A 410 -15.92 3.95 8.33
N VAL A 411 -15.32 3.96 9.51
CA VAL A 411 -15.37 5.16 10.33
C VAL A 411 -14.62 6.32 9.65
N ALA A 412 -13.44 6.04 9.10
CA ALA A 412 -12.66 7.07 8.40
C ALA A 412 -13.49 7.64 7.24
N GLN A 413 -14.16 6.74 6.53
CA GLN A 413 -15.02 7.13 5.42
C GLN A 413 -16.09 8.11 5.94
N LEU A 414 -16.79 7.69 7.00
CA LEU A 414 -17.84 8.50 7.60
C LEU A 414 -17.30 9.89 8.06
N ALA A 415 -16.22 9.88 8.85
CA ALA A 415 -15.67 11.14 9.34
C ALA A 415 -15.38 12.08 8.17
N GLY A 416 -14.78 11.54 7.12
CA GLY A 416 -14.47 12.34 5.95
C GLY A 416 -15.69 12.93 5.25
N ARG A 417 -16.71 12.14 4.99
CA ARG A 417 -17.87 12.68 4.32
C ARG A 417 -18.59 13.70 5.20
N LEU A 418 -18.77 13.39 6.47
CA LEU A 418 -19.44 14.32 7.38
C LEU A 418 -18.69 15.64 7.46
N ALA A 419 -17.38 15.57 7.63
CA ALA A 419 -16.57 16.79 7.70
C ALA A 419 -16.69 17.61 6.39
N ALA A 420 -16.52 16.94 5.26
CA ALA A 420 -16.60 17.64 3.99
C ALA A 420 -17.99 18.22 3.75
N GLN A 421 -19.02 17.67 4.39
CA GLN A 421 -20.33 18.18 4.13
C GLN A 421 -21.04 18.99 5.20
N GLY A 422 -20.24 19.81 5.90
CA GLY A 422 -20.78 20.71 6.91
C GLY A 422 -20.80 20.33 8.38
N ALA A 423 -20.54 19.07 8.70
CA ALA A 423 -20.61 18.71 10.11
C ALA A 423 -19.38 19.04 10.92
N ARG A 424 -19.57 19.19 12.21
CA ARG A 424 -18.43 19.41 13.09
C ARG A 424 -18.16 18.00 13.59
N VAL A 425 -16.96 17.49 13.30
CA VAL A 425 -16.57 16.13 13.68
C VAL A 425 -15.36 16.08 14.60
N TYR A 426 -15.40 15.20 15.61
CA TYR A 426 -14.27 14.96 16.52
C TYR A 426 -14.00 13.46 16.45
N ALA A 427 -12.72 13.10 16.38
CA ALA A 427 -12.32 11.69 16.23
C ALA A 427 -11.28 11.25 17.23
N TYR A 428 -11.34 9.97 17.61
CA TYR A 428 -10.38 9.44 18.57
C TYR A 428 -10.05 7.98 18.29
N ILE A 429 -8.98 7.53 18.93
CA ILE A 429 -8.60 6.14 18.90
C ILE A 429 -8.37 5.87 20.38
N PHE A 430 -9.09 4.88 20.91
CA PHE A 430 -9.00 4.52 22.32
C PHE A 430 -7.92 3.44 22.41
N GLU A 431 -6.88 3.69 23.21
CA GLU A 431 -5.77 2.75 23.25
C GLU A 431 -5.46 2.12 24.57
N HIS A 432 -6.32 2.29 25.56
CA HIS A 432 -6.03 1.71 26.85
C HIS A 432 -6.71 0.35 27.10
N ARG A 433 -5.91 -0.64 27.49
CA ARG A 433 -6.41 -1.98 27.80
C ARG A 433 -6.72 -2.04 29.28
N ALA A 434 -7.97 -2.37 29.62
CA ALA A 434 -8.38 -2.45 31.01
C ALA A 434 -7.49 -3.43 31.76
N SER A 435 -7.03 -3.02 32.94
CA SER A 435 -6.18 -3.88 33.75
C SER A 435 -6.91 -5.16 34.11
N THR A 436 -8.24 -5.09 34.12
CA THR A 436 -9.10 -6.22 34.47
C THR A 436 -9.53 -7.09 33.29
N LEU A 437 -9.10 -6.77 32.08
CA LEU A 437 -9.50 -7.55 30.93
C LEU A 437 -9.15 -9.05 31.11
N THR A 438 -10.06 -9.93 30.71
CA THR A 438 -9.83 -11.36 30.85
C THR A 438 -9.52 -12.06 29.51
N TRP A 439 -9.51 -11.28 28.42
CA TRP A 439 -9.17 -11.82 27.12
C TRP A 439 -7.65 -11.83 27.09
N PRO A 440 -7.04 -12.74 26.31
CA PRO A 440 -5.57 -12.82 26.24
C PRO A 440 -4.95 -11.50 25.78
N LEU A 441 -3.69 -11.28 26.13
CA LEU A 441 -2.99 -10.06 25.73
C LEU A 441 -2.88 -9.86 24.23
N TRP A 442 -2.77 -10.93 23.45
CA TRP A 442 -2.61 -10.71 22.04
C TRP A 442 -3.77 -9.97 21.42
N MET A 443 -4.93 -9.98 22.07
CA MET A 443 -6.09 -9.29 21.51
C MET A 443 -6.05 -7.78 21.72
N GLY A 444 -5.09 -7.31 22.52
CA GLY A 444 -4.95 -5.88 22.77
C GLY A 444 -6.16 -5.19 23.41
N VAL A 445 -6.62 -4.09 22.82
CA VAL A 445 -7.82 -3.38 23.33
C VAL A 445 -8.91 -3.82 22.37
N PRO A 446 -9.66 -4.86 22.73
CA PRO A 446 -10.73 -5.38 21.87
C PRO A 446 -11.97 -4.51 21.74
N HIS A 447 -12.73 -4.81 20.68
CA HIS A 447 -13.99 -4.18 20.34
C HIS A 447 -14.91 -4.19 21.59
N GLY A 448 -15.42 -3.03 21.97
CA GLY A 448 -16.29 -2.94 23.11
C GLY A 448 -15.67 -2.60 24.46
N TYR A 449 -14.35 -2.68 24.56
CA TYR A 449 -13.75 -2.43 25.85
C TYR A 449 -13.42 -1.02 26.29
N GLU A 450 -13.92 -0.03 25.55
CA GLU A 450 -13.74 1.34 25.96
C GLU A 450 -15.03 1.71 26.73
N ILE A 451 -16.11 0.95 26.49
CA ILE A 451 -17.38 1.30 27.11
C ILE A 451 -17.40 1.45 28.63
N GLU A 452 -16.86 0.46 29.35
CA GLU A 452 -16.80 0.53 30.81
C GLU A 452 -16.10 1.82 31.29
N PHE A 453 -15.21 2.40 30.48
CA PHE A 453 -14.55 3.63 30.88
C PHE A 453 -15.42 4.87 30.64
N ILE A 454 -16.14 4.92 29.52
CA ILE A 454 -17.00 6.04 29.23
C ILE A 454 -18.13 6.11 30.28
N PHE A 455 -18.62 4.95 30.70
CA PHE A 455 -19.71 4.92 31.69
C PHE A 455 -19.21 5.12 33.11
N GLY A 456 -17.90 5.10 33.28
CA GLY A 456 -17.32 5.34 34.60
C GLY A 456 -17.26 4.21 35.61
N LEU A 457 -17.36 2.95 35.17
CA LEU A 457 -17.28 1.84 36.11
C LEU A 457 -16.03 1.88 36.99
N PRO A 458 -14.88 2.30 36.46
CA PRO A 458 -13.70 2.32 37.32
C PRO A 458 -13.89 3.14 38.62
N LEU A 459 -14.92 3.98 38.67
CA LEU A 459 -15.14 4.77 39.88
C LEU A 459 -15.67 3.92 41.03
N ASP A 460 -16.11 2.71 40.74
CA ASP A 460 -16.61 1.83 41.78
C ASP A 460 -15.42 1.05 42.37
N PRO A 461 -15.04 1.38 43.62
CA PRO A 461 -13.92 0.74 44.32
C PRO A 461 -13.94 -0.79 44.28
N SER A 462 -15.13 -1.37 44.44
CA SER A 462 -15.23 -2.82 44.42
C SER A 462 -14.83 -3.49 43.10
N LEU A 463 -14.67 -2.73 42.02
CA LEU A 463 -14.32 -3.34 40.73
C LEU A 463 -12.81 -3.52 40.45
N ASN A 464 -11.98 -3.10 41.39
CA ASN A 464 -10.54 -3.29 41.28
C ASN A 464 -9.76 -2.68 40.12
N TYR A 465 -10.18 -1.52 39.65
CA TYR A 465 -9.46 -0.83 38.59
C TYR A 465 -8.34 -0.05 39.28
N THR A 466 -7.28 0.29 38.56
CA THR A 466 -6.19 1.04 39.17
C THR A 466 -6.61 2.49 39.35
N THR A 467 -5.90 3.19 40.21
CA THR A 467 -6.18 4.59 40.45
C THR A 467 -6.08 5.41 39.17
N GLU A 468 -5.10 5.10 38.32
CA GLU A 468 -4.94 5.84 37.08
C GLU A 468 -6.17 5.63 36.18
N GLU A 469 -6.68 4.40 36.18
CA GLU A 469 -7.86 4.08 35.38
C GLU A 469 -9.06 4.90 35.84
N ARG A 470 -9.18 5.08 37.15
CA ARG A 470 -10.27 5.86 37.72
C ARG A 470 -10.14 7.34 37.28
N ILE A 471 -8.92 7.85 37.21
CA ILE A 471 -8.71 9.23 36.79
C ILE A 471 -9.01 9.33 35.28
N PHE A 472 -8.62 8.28 34.56
CA PHE A 472 -8.84 8.20 33.11
C PHE A 472 -10.36 8.20 32.83
N ALA A 473 -11.11 7.38 33.58
CA ALA A 473 -12.57 7.30 33.44
C ALA A 473 -13.19 8.68 33.63
N GLN A 474 -12.77 9.38 34.68
CA GLN A 474 -13.29 10.71 34.95
C GLN A 474 -13.00 11.64 33.77
N ARG A 475 -11.82 11.54 33.17
CA ARG A 475 -11.50 12.38 32.01
C ARG A 475 -12.46 12.11 30.86
N LEU A 476 -12.67 10.83 30.55
CA LEU A 476 -13.54 10.44 29.45
C LEU A 476 -14.98 10.89 29.65
N MET A 477 -15.50 10.72 30.88
CA MET A 477 -16.86 11.12 31.20
C MET A 477 -17.01 12.63 30.95
N LYS A 478 -15.96 13.38 31.27
CA LYS A 478 -15.97 14.82 31.05
C LYS A 478 -16.03 15.12 29.54
N TYR A 479 -15.21 14.42 28.75
CA TYR A 479 -15.24 14.64 27.31
C TYR A 479 -16.62 14.40 26.72
N TRP A 480 -17.20 13.24 27.05
CA TRP A 480 -18.50 12.85 26.53
C TRP A 480 -19.61 13.81 26.95
N THR A 481 -19.68 14.13 28.24
CA THR A 481 -20.72 15.05 28.74
C THR A 481 -20.46 16.48 28.24
N ASN A 482 -19.20 16.90 28.11
CA ASN A 482 -18.95 18.23 27.58
C ASN A 482 -19.50 18.27 26.15
N PHE A 483 -19.20 17.22 25.38
CA PHE A 483 -19.68 17.14 24.02
C PHE A 483 -21.21 17.15 24.00
N ALA A 484 -21.83 16.44 24.93
CA ALA A 484 -23.29 16.40 24.96
C ALA A 484 -23.85 17.79 25.27
N ARG A 485 -23.19 18.51 26.16
CA ARG A 485 -23.65 19.83 26.56
C ARG A 485 -23.44 20.90 25.50
N THR A 486 -22.28 20.89 24.87
CA THR A 486 -21.94 21.93 23.91
C THR A 486 -21.58 21.53 22.49
N GLY A 487 -21.41 20.24 22.23
CA GLY A 487 -21.04 19.84 20.89
C GLY A 487 -19.54 19.97 20.75
N ASP A 488 -18.84 20.16 21.87
CA ASP A 488 -17.38 20.27 21.90
C ASP A 488 -16.88 19.48 23.12
N PRO A 489 -16.02 18.46 22.91
CA PRO A 489 -15.50 17.66 24.04
C PRO A 489 -14.59 18.41 25.01
N ASN A 490 -14.04 19.51 24.54
CA ASN A 490 -13.11 20.31 25.33
C ASN A 490 -13.73 21.02 26.51
N ASP A 491 -12.96 21.16 27.58
CA ASP A 491 -13.45 21.84 28.78
C ASP A 491 -13.09 23.33 28.66
N PRO A 492 -14.10 24.22 28.58
CA PRO A 492 -13.80 25.67 28.46
C PRO A 492 -12.91 26.27 29.57
N ARG A 493 -13.08 25.80 30.81
CA ARG A 493 -12.29 26.29 31.94
C ARG A 493 -11.02 25.46 32.12
N ASP A 494 -10.11 25.55 31.16
CA ASP A 494 -8.86 24.80 31.24
C ASP A 494 -8.08 24.93 29.93
N SER A 495 -7.05 25.77 29.93
CA SER A 495 -6.24 25.98 28.74
C SER A 495 -5.00 25.11 28.77
N LYS A 496 -4.68 24.58 29.96
CA LYS A 496 -3.51 23.71 30.15
C LYS A 496 -3.63 22.43 29.30
N SER A 497 -4.59 21.58 29.67
CA SER A 497 -4.85 20.32 28.95
C SER A 497 -4.82 20.61 27.46
N PRO A 498 -4.05 19.83 26.69
CA PRO A 498 -4.02 20.10 25.25
C PRO A 498 -5.42 19.98 24.65
N GLN A 499 -5.76 20.83 23.71
CA GLN A 499 -7.08 20.80 23.10
C GLN A 499 -7.27 19.66 22.09
N TRP A 500 -8.53 19.26 21.94
CA TRP A 500 -8.91 18.21 21.01
C TRP A 500 -9.43 18.97 19.80
N PRO A 501 -8.67 18.96 18.69
CA PRO A 501 -9.12 19.69 17.50
C PRO A 501 -10.13 18.93 16.68
N PRO A 502 -11.03 19.66 16.02
CA PRO A 502 -12.05 19.03 15.17
C PRO A 502 -11.33 18.24 14.06
N TYR A 503 -12.02 17.28 13.48
CA TYR A 503 -11.45 16.49 12.40
C TYR A 503 -11.90 17.16 11.10
N THR A 504 -10.95 17.35 10.20
CA THR A 504 -11.22 17.99 8.91
C THR A 504 -10.58 17.19 7.77
N THR A 505 -11.11 17.34 6.56
CA THR A 505 -10.58 16.63 5.41
C THR A 505 -9.15 17.08 5.15
N ALA A 506 -8.89 18.35 5.42
CA ALA A 506 -7.56 18.93 5.22
C ALA A 506 -6.50 18.35 6.15
N ALA A 507 -6.66 18.56 7.46
CA ALA A 507 -5.68 18.08 8.43
C ALA A 507 -5.94 16.69 9.00
N GLN A 508 -7.15 16.18 8.89
CA GLN A 508 -7.45 14.83 9.39
C GLN A 508 -6.91 14.57 10.79
N GLN A 509 -7.21 15.48 11.72
CA GLN A 509 -6.73 15.32 13.09
C GLN A 509 -7.68 14.52 14.00
N TYR A 510 -7.11 13.71 14.88
CA TYR A 510 -7.86 12.93 15.84
C TYR A 510 -6.95 12.75 17.03
N VAL A 511 -7.51 12.40 18.19
CA VAL A 511 -6.66 12.24 19.38
C VAL A 511 -6.59 10.82 19.91
N SER A 512 -5.55 10.53 20.68
CA SER A 512 -5.38 9.21 21.29
C SER A 512 -5.93 9.29 22.71
N LEU A 513 -6.79 8.35 23.06
CA LEU A 513 -7.34 8.33 24.41
C LEU A 513 -6.65 7.19 25.13
N ASN A 514 -5.81 7.55 26.11
CA ASN A 514 -5.11 6.58 26.94
C ASN A 514 -4.72 7.26 28.24
N LEU A 515 -3.91 6.61 29.06
CA LEU A 515 -3.50 7.17 30.35
C LEU A 515 -2.68 8.48 30.25
N LYS A 516 -2.05 8.67 29.11
CA LYS A 516 -1.25 9.86 28.83
C LYS A 516 -2.20 11.00 28.47
N PRO A 517 -1.74 12.25 28.59
CA PRO A 517 -2.61 13.37 28.25
C PRO A 517 -2.92 13.27 26.74
N LEU A 518 -3.98 13.94 26.29
CA LEU A 518 -4.33 13.91 24.87
C LEU A 518 -3.15 14.14 23.96
N GLU A 519 -3.13 13.42 22.84
CA GLU A 519 -2.07 13.57 21.84
C GLU A 519 -2.78 13.66 20.50
N VAL A 520 -2.44 14.66 19.71
CA VAL A 520 -3.07 14.84 18.42
C VAL A 520 -2.29 14.08 17.36
N ARG A 521 -3.01 13.39 16.48
CA ARG A 521 -2.39 12.63 15.41
C ARG A 521 -3.06 13.00 14.11
N ARG A 522 -2.42 12.69 12.99
CA ARG A 522 -3.00 13.02 11.69
C ARG A 522 -3.17 11.79 10.81
N GLY A 523 -4.30 11.75 10.10
CA GLY A 523 -4.58 10.64 9.23
C GLY A 523 -4.96 9.37 9.96
N LEU A 524 -6.20 8.97 9.81
CA LEU A 524 -6.69 7.77 10.45
C LEU A 524 -6.46 6.61 9.49
N ARG A 525 -5.36 5.87 9.67
CA ARG A 525 -5.05 4.76 8.77
C ARG A 525 -5.21 5.23 7.33
N ALA A 526 -4.76 6.45 7.05
CA ALA A 526 -4.91 7.02 5.71
C ALA A 526 -4.51 6.13 4.52
N GLN A 527 -3.29 5.59 4.47
CA GLN A 527 -2.90 4.75 3.33
C GLN A 527 -3.79 3.52 3.22
N THR A 528 -3.82 2.72 4.27
CA THR A 528 -4.64 1.52 4.27
C THR A 528 -6.13 1.81 4.02
N CYS A 529 -6.69 2.89 4.56
CA CYS A 529 -8.11 3.09 4.29
C CYS A 529 -8.37 3.56 2.88
N ALA A 530 -7.33 4.11 2.25
CA ALA A 530 -7.47 4.52 0.86
C ALA A 530 -7.63 3.21 0.06
N PHE A 531 -6.89 2.18 0.46
CA PHE A 531 -6.98 0.89 -0.21
C PHE A 531 -8.43 0.35 -0.12
N TRP A 532 -8.97 0.32 1.11
CA TRP A 532 -10.34 -0.19 1.35
C TRP A 532 -11.45 0.67 0.79
N ASN A 533 -11.33 1.99 0.98
CA ASN A 533 -12.37 2.90 0.53
C ASN A 533 -12.30 3.40 -0.91
N ARG A 534 -11.12 3.39 -1.52
CA ARG A 534 -11.04 3.89 -2.90
C ARG A 534 -10.65 2.82 -3.90
N PHE A 535 -9.65 2.00 -3.59
CA PHE A 535 -9.27 0.99 -4.55
C PHE A 535 -10.18 -0.21 -4.58
N LEU A 536 -10.32 -0.94 -3.47
CA LEU A 536 -11.17 -2.13 -3.52
C LEU A 536 -12.51 -1.96 -4.24
N PRO A 537 -13.22 -0.85 -4.00
CA PRO A 537 -14.49 -0.69 -4.70
C PRO A 537 -14.25 -0.74 -6.20
N LYS A 538 -13.39 0.15 -6.70
CA LYS A 538 -13.07 0.20 -8.13
C LYS A 538 -12.68 -1.17 -8.68
N LEU A 539 -12.06 -2.00 -7.86
CA LEU A 539 -11.69 -3.34 -8.32
C LEU A 539 -13.01 -4.02 -8.63
N LEU A 540 -13.98 -3.79 -7.75
CA LEU A 540 -15.33 -4.35 -7.84
C LEU A 540 -16.09 -4.00 -9.13
N SER A 541 -15.86 -2.79 -9.65
CA SER A 541 -16.48 -2.35 -10.91
C SER A 541 -15.67 -2.99 -12.06
N ALA A 542 -15.57 -4.33 -12.01
CA ALA A 542 -14.87 -5.15 -13.01
C ALA A 542 -14.50 -6.49 -12.36
N GLU B 4 60.23 4.80 -30.28
CA GLU B 4 59.25 3.74 -29.88
C GLU B 4 59.31 3.48 -28.36
N ASP B 5 58.43 2.63 -27.85
CA ASP B 5 58.35 2.28 -26.43
C ASP B 5 57.70 0.91 -26.31
N PRO B 6 58.50 -0.13 -26.01
CA PRO B 6 57.98 -1.50 -25.88
C PRO B 6 56.74 -1.68 -25.01
N GLN B 7 56.48 -0.72 -24.13
CA GLN B 7 55.30 -0.81 -23.27
C GLN B 7 54.04 -0.43 -24.04
N LEU B 8 54.19 0.36 -25.10
CA LEU B 8 53.06 0.78 -25.90
C LEU B 8 52.89 -0.07 -27.15
N LEU B 9 53.72 -1.10 -27.27
CA LEU B 9 53.65 -1.96 -28.44
C LEU B 9 53.13 -3.35 -28.07
N VAL B 10 52.03 -3.77 -28.67
CA VAL B 10 51.48 -5.09 -28.37
C VAL B 10 51.10 -5.81 -29.63
N ARG B 11 51.13 -7.14 -29.58
CA ARG B 11 50.75 -7.97 -30.70
C ARG B 11 49.52 -8.80 -30.32
N VAL B 12 48.44 -8.66 -31.06
CA VAL B 12 47.21 -9.41 -30.82
C VAL B 12 47.00 -10.34 -32.02
N ARG B 13 46.07 -11.29 -31.95
CA ARG B 13 45.90 -12.19 -33.09
C ARG B 13 45.76 -11.54 -34.47
N GLY B 14 45.23 -10.33 -34.56
CA GLY B 14 45.10 -9.73 -35.87
C GLY B 14 46.28 -8.88 -36.30
N GLY B 15 47.25 -8.69 -35.41
CA GLY B 15 48.39 -7.89 -35.76
C GLY B 15 48.98 -7.02 -34.66
N GLN B 16 49.86 -6.10 -35.05
CA GLN B 16 50.53 -5.22 -34.11
C GLN B 16 49.77 -3.93 -33.89
N LEU B 17 49.84 -3.44 -32.66
CA LEU B 17 49.15 -2.22 -32.26
C LEU B 17 50.12 -1.32 -31.51
N ARG B 18 49.87 -0.02 -31.54
CA ARG B 18 50.70 0.89 -30.80
C ARG B 18 49.73 1.75 -30.01
N GLY B 19 49.87 1.70 -28.70
CA GLY B 19 49.04 2.48 -27.83
C GLY B 19 49.69 3.81 -27.53
N ILE B 20 49.16 4.50 -26.53
CA ILE B 20 49.66 5.79 -26.13
C ILE B 20 49.77 5.82 -24.60
N ARG B 21 50.84 6.44 -24.10
CA ARG B 21 51.03 6.54 -22.65
C ARG B 21 50.22 7.73 -22.21
N LEU B 22 49.29 7.49 -21.30
CA LEU B 22 48.42 8.55 -20.82
C LEU B 22 48.73 8.94 -19.39
N LYS B 23 48.39 10.17 -19.06
CA LYS B 23 48.64 10.72 -17.73
C LYS B 23 47.45 10.62 -16.79
N ALA B 24 47.65 9.94 -15.67
CA ALA B 24 46.62 9.79 -14.63
C ALA B 24 47.14 10.56 -13.40
N PRO B 25 46.23 11.07 -12.56
CA PRO B 25 46.67 11.82 -11.38
C PRO B 25 47.94 11.28 -10.68
N GLY B 26 47.98 9.98 -10.37
CA GLY B 26 49.14 9.46 -9.70
C GLY B 26 50.19 8.74 -10.52
N GLY B 27 50.14 8.90 -11.84
CA GLY B 27 51.13 8.22 -12.66
C GLY B 27 50.64 7.91 -14.06
N PRO B 28 51.47 7.26 -14.88
CA PRO B 28 51.13 6.91 -16.26
C PRO B 28 50.32 5.61 -16.40
N VAL B 29 49.58 5.48 -17.49
CA VAL B 29 48.78 4.29 -17.79
C VAL B 29 48.97 4.04 -19.29
N SER B 30 48.89 2.79 -19.71
CA SER B 30 49.00 2.46 -21.13
C SER B 30 47.56 2.39 -21.68
N ALA B 31 47.30 3.02 -22.82
CA ALA B 31 45.95 2.99 -23.41
C ALA B 31 45.99 2.57 -24.87
N PHE B 32 45.21 1.55 -25.20
CA PHE B 32 45.13 1.10 -26.58
C PHE B 32 43.70 1.38 -26.99
N LEU B 33 43.52 2.46 -27.74
CA LEU B 33 42.21 2.91 -28.16
C LEU B 33 41.87 2.66 -29.62
N GLY B 34 40.59 2.41 -29.89
CA GLY B 34 40.13 2.19 -31.25
C GLY B 34 40.63 0.93 -31.90
N ILE B 35 40.70 -0.16 -31.16
CA ILE B 35 41.15 -1.43 -31.72
C ILE B 35 39.97 -2.07 -32.43
N PRO B 36 40.11 -2.45 -33.71
CA PRO B 36 38.95 -3.06 -34.39
C PRO B 36 38.74 -4.51 -33.97
N PHE B 37 37.51 -4.86 -33.62
CA PHE B 37 37.25 -6.26 -33.26
C PHE B 37 36.30 -6.96 -34.25
N ALA B 38 35.84 -6.22 -35.25
CA ALA B 38 34.96 -6.81 -36.26
C ALA B 38 35.07 -6.11 -37.60
N GLU B 39 34.60 -6.78 -38.65
CA GLU B 39 34.58 -6.17 -39.96
C GLU B 39 33.56 -5.06 -39.90
N PRO B 40 33.87 -3.88 -40.44
CA PRO B 40 32.87 -2.80 -40.40
C PRO B 40 31.51 -3.35 -40.86
N PRO B 41 30.46 -3.21 -40.04
CA PRO B 41 29.14 -3.74 -40.43
C PRO B 41 28.40 -2.76 -41.34
N VAL B 42 29.01 -2.46 -42.48
CA VAL B 42 28.48 -1.50 -43.43
C VAL B 42 27.92 -2.13 -44.71
N GLY B 43 27.18 -1.31 -45.46
CA GLY B 43 26.61 -1.81 -46.71
C GLY B 43 25.71 -3.01 -46.55
N SER B 44 26.07 -4.13 -47.14
CA SER B 44 25.24 -5.32 -47.04
C SER B 44 25.35 -5.98 -45.67
N ARG B 45 26.21 -5.46 -44.81
CA ARG B 45 26.35 -6.07 -43.50
C ARG B 45 25.46 -5.37 -42.50
N ARG B 46 24.75 -4.34 -42.93
CA ARG B 46 23.85 -3.64 -42.03
C ARG B 46 22.79 -4.60 -41.55
N PHE B 47 22.49 -4.58 -40.26
CA PHE B 47 21.48 -5.45 -39.61
C PHE B 47 21.95 -6.88 -39.45
N MET B 48 23.15 -7.18 -39.95
CA MET B 48 23.65 -8.53 -39.84
C MET B 48 24.59 -8.73 -38.67
N PRO B 49 24.74 -9.99 -38.23
CA PRO B 49 25.62 -10.35 -37.13
C PRO B 49 27.04 -9.88 -37.48
N PRO B 50 27.84 -9.50 -36.48
CA PRO B 50 29.21 -9.06 -36.78
C PRO B 50 30.09 -10.23 -37.18
N GLU B 51 31.12 -9.95 -37.98
CA GLU B 51 32.08 -10.97 -38.38
C GLU B 51 33.42 -10.53 -37.80
N PRO B 52 34.27 -11.48 -37.41
CA PRO B 52 35.55 -11.07 -36.84
C PRO B 52 36.44 -10.28 -37.81
N LYS B 53 37.18 -9.34 -37.23
CA LYS B 53 38.08 -8.48 -37.97
C LYS B 53 39.20 -9.25 -38.64
N ARG B 54 39.36 -9.04 -39.94
CA ARG B 54 40.43 -9.69 -40.67
C ARG B 54 41.76 -9.09 -40.22
N PRO B 55 42.83 -9.90 -40.22
CA PRO B 55 44.20 -9.52 -39.84
C PRO B 55 44.70 -8.34 -40.66
N TRP B 56 45.52 -7.49 -40.05
CA TRP B 56 46.05 -6.33 -40.73
C TRP B 56 47.58 -6.39 -40.80
N SER B 57 48.17 -5.57 -41.67
CA SER B 57 49.59 -5.54 -41.86
C SER B 57 50.16 -4.36 -41.10
N GLY B 58 51.44 -4.42 -40.76
CA GLY B 58 52.09 -3.30 -40.07
C GLY B 58 51.66 -3.07 -38.63
N VAL B 59 51.86 -1.84 -38.16
CA VAL B 59 51.49 -1.50 -36.81
C VAL B 59 50.28 -0.60 -36.86
N LEU B 60 49.15 -1.12 -36.37
CA LEU B 60 47.90 -0.38 -36.35
C LEU B 60 47.96 0.66 -35.24
N ASP B 61 47.64 1.89 -35.59
CA ASP B 61 47.67 2.97 -34.63
C ASP B 61 46.46 2.95 -33.67
N ALA B 62 46.72 2.67 -32.39
CA ALA B 62 45.66 2.61 -31.37
C ALA B 62 45.85 3.69 -30.32
N THR B 63 46.00 4.93 -30.75
CA THR B 63 46.22 6.00 -29.79
C THR B 63 45.06 6.98 -29.68
N THR B 64 43.98 6.71 -30.41
CA THR B 64 42.83 7.59 -30.39
C THR B 64 41.50 6.83 -30.46
N PHE B 65 40.44 7.39 -29.87
CA PHE B 65 39.14 6.75 -29.89
C PHE B 65 38.61 6.73 -31.32
N GLN B 66 37.97 5.62 -31.68
CA GLN B 66 37.37 5.48 -33.01
C GLN B 66 35.98 6.12 -33.08
N ASN B 67 35.32 6.01 -34.23
CA ASN B 67 34.01 6.61 -34.36
C ASN B 67 32.92 6.02 -33.47
N VAL B 68 31.92 6.85 -33.18
CA VAL B 68 30.77 6.47 -32.40
C VAL B 68 29.74 5.80 -33.32
N CYS B 69 29.11 4.71 -32.86
CA CYS B 69 28.09 4.05 -33.68
C CYS B 69 26.97 5.03 -34.01
N TYR B 70 26.53 5.00 -35.28
CA TYR B 70 25.49 5.92 -35.74
C TYR B 70 24.27 5.90 -34.82
N GLN B 71 23.88 7.09 -34.36
CA GLN B 71 22.77 7.16 -33.42
C GLN B 71 22.14 8.53 -33.34
N TYR B 72 20.93 8.55 -32.78
CA TYR B 72 20.21 9.78 -32.58
C TYR B 72 21.01 10.64 -31.59
N VAL B 73 21.01 11.96 -31.79
CA VAL B 73 21.75 12.88 -30.92
C VAL B 73 20.74 13.77 -30.18
N ASP B 74 20.86 13.83 -28.85
CA ASP B 74 19.93 14.63 -28.04
C ASP B 74 20.04 16.13 -28.27
N THR B 75 18.89 16.76 -28.42
CA THR B 75 18.80 18.18 -28.70
C THR B 75 17.82 18.91 -27.80
N LEU B 76 17.29 18.22 -26.80
CA LEU B 76 16.31 18.83 -25.89
C LEU B 76 16.81 20.09 -25.19
N TYR B 77 18.06 20.08 -24.74
CA TYR B 77 18.64 21.24 -24.06
C TYR B 77 19.98 21.63 -24.66
N PRO B 78 19.97 22.24 -25.84
CA PRO B 78 21.21 22.65 -26.52
C PRO B 78 22.20 23.41 -25.63
N GLY B 79 23.45 22.92 -25.59
CA GLY B 79 24.50 23.55 -24.81
C GLY B 79 24.55 23.16 -23.34
N PHE B 80 23.54 22.40 -22.91
CA PHE B 80 23.43 21.95 -21.53
C PHE B 80 24.34 20.77 -21.22
N GLU B 81 25.27 20.98 -20.30
CA GLU B 81 26.22 19.96 -19.88
C GLU B 81 25.50 18.66 -19.46
N GLY B 82 24.40 18.82 -18.73
CA GLY B 82 23.66 17.65 -18.27
C GLY B 82 23.28 16.67 -19.35
N THR B 83 23.07 17.16 -20.56
CA THR B 83 22.69 16.30 -21.66
C THR B 83 23.87 16.04 -22.60
N GLU B 84 24.65 17.08 -22.86
CA GLU B 84 25.78 16.96 -23.78
C GLU B 84 26.80 15.93 -23.34
N MET B 85 26.92 15.70 -22.03
CA MET B 85 27.88 14.73 -21.54
C MET B 85 27.59 13.30 -22.01
N TRP B 86 26.37 13.07 -22.47
CA TRP B 86 25.99 11.74 -22.98
C TRP B 86 25.99 11.69 -24.54
N ASN B 87 26.13 12.83 -25.19
CA ASN B 87 26.14 12.88 -26.65
C ASN B 87 27.47 12.40 -27.25
N PRO B 88 27.44 11.94 -28.50
CA PRO B 88 28.67 11.45 -29.16
C PRO B 88 29.81 12.46 -29.05
N ASN B 89 31.02 12.01 -28.79
CA ASN B 89 32.14 12.92 -28.70
C ASN B 89 33.18 12.61 -29.78
N ARG B 90 32.73 11.92 -30.82
CA ARG B 90 33.57 11.58 -31.97
C ARG B 90 32.62 11.50 -33.16
N GLU B 91 33.17 11.41 -34.38
CA GLU B 91 32.36 11.30 -35.58
C GLU B 91 31.43 10.08 -35.53
N LEU B 92 30.22 10.27 -36.06
CA LEU B 92 29.24 9.20 -36.15
C LEU B 92 29.54 8.39 -37.40
N SER B 93 29.40 7.09 -37.33
CA SER B 93 29.64 6.29 -38.50
C SER B 93 29.12 4.89 -38.25
N GLU B 94 28.73 4.18 -39.30
CA GLU B 94 28.29 2.81 -39.11
C GLU B 94 29.50 1.91 -38.94
N ASP B 95 30.68 2.45 -39.29
CA ASP B 95 31.94 1.74 -39.14
C ASP B 95 32.33 2.15 -37.72
N CYS B 96 31.96 1.33 -36.74
CA CYS B 96 32.18 1.68 -35.34
C CYS B 96 32.54 0.55 -34.37
N LEU B 97 32.73 -0.65 -34.89
CA LEU B 97 33.02 -1.76 -34.02
C LEU B 97 34.49 -1.82 -33.60
N TYR B 98 34.79 -1.01 -32.61
CA TYR B 98 36.13 -0.91 -32.04
C TYR B 98 36.04 -0.97 -30.51
N LEU B 99 37.09 -1.45 -29.86
CA LEU B 99 37.12 -1.51 -28.43
C LEU B 99 38.34 -0.77 -27.88
N ASN B 100 38.36 -0.56 -26.57
CA ASN B 100 39.44 0.16 -25.92
C ASN B 100 40.00 -0.63 -24.73
N VAL B 101 41.28 -0.46 -24.48
CA VAL B 101 41.93 -1.13 -23.39
C VAL B 101 42.83 -0.18 -22.59
N TRP B 102 42.70 -0.22 -21.27
CA TRP B 102 43.55 0.57 -20.39
C TRP B 102 44.28 -0.41 -19.50
N THR B 103 45.57 -0.18 -19.27
CA THR B 103 46.32 -1.06 -18.39
C THR B 103 47.31 -0.22 -17.66
N PRO B 104 47.81 -0.72 -16.51
CA PRO B 104 48.80 0.09 -15.80
C PRO B 104 50.10 0.17 -16.58
N TYR B 105 50.84 1.24 -16.34
CA TYR B 105 52.11 1.49 -17.00
C TYR B 105 53.23 1.40 -15.96
N PRO B 106 54.13 0.42 -16.08
CA PRO B 106 54.25 -0.61 -17.11
C PRO B 106 53.23 -1.73 -16.96
N ARG B 107 52.95 -2.40 -18.08
CA ARG B 107 52.01 -3.52 -18.12
C ARG B 107 52.29 -4.49 -16.98
N PRO B 108 51.23 -4.93 -16.27
CA PRO B 108 51.27 -5.87 -15.14
C PRO B 108 52.20 -7.07 -15.33
N ALA B 109 52.93 -7.40 -14.27
CA ALA B 109 53.86 -8.54 -14.29
C ALA B 109 53.11 -9.88 -14.27
N SER B 110 52.04 -9.93 -13.49
CA SER B 110 51.22 -11.14 -13.37
C SER B 110 49.79 -10.84 -13.84
N PRO B 111 49.09 -11.85 -14.39
CA PRO B 111 47.70 -11.72 -14.87
C PRO B 111 46.80 -10.93 -13.93
N THR B 112 46.22 -9.86 -14.45
CA THR B 112 45.35 -8.97 -13.69
C THR B 112 43.87 -9.13 -14.02
N PRO B 113 43.01 -9.17 -13.00
CA PRO B 113 41.59 -9.32 -13.31
C PRO B 113 41.14 -8.23 -14.27
N VAL B 114 40.27 -8.60 -15.21
CA VAL B 114 39.76 -7.70 -16.23
C VAL B 114 38.33 -7.23 -15.99
N LEU B 115 38.10 -5.94 -16.17
CA LEU B 115 36.78 -5.35 -16.02
C LEU B 115 36.31 -4.90 -17.42
N ILE B 116 35.16 -5.38 -17.87
CA ILE B 116 34.67 -4.98 -19.18
C ILE B 116 33.41 -4.14 -19.04
N TRP B 117 33.51 -2.88 -19.45
CA TRP B 117 32.38 -1.94 -19.39
C TRP B 117 31.49 -1.99 -20.64
N ILE B 118 30.18 -1.96 -20.42
CA ILE B 118 29.21 -1.95 -21.50
C ILE B 118 28.32 -0.76 -21.22
N TYR B 119 28.42 0.29 -22.05
CA TYR B 119 27.63 1.48 -21.82
C TYR B 119 26.14 1.34 -22.02
N GLY B 120 25.42 2.34 -21.49
CA GLY B 120 23.98 2.41 -21.59
C GLY B 120 23.61 3.49 -22.59
N GLY B 121 22.32 3.80 -22.66
CA GLY B 121 21.82 4.79 -23.61
C GLY B 121 20.54 4.26 -24.26
N GLY B 122 19.75 3.53 -23.49
CA GLY B 122 18.49 2.95 -23.95
C GLY B 122 18.57 2.10 -25.20
N PHE B 123 19.75 1.58 -25.49
CA PHE B 123 19.95 0.74 -26.68
C PHE B 123 19.83 1.55 -27.97
N TYR B 124 19.74 2.88 -27.86
CA TYR B 124 19.64 3.72 -29.05
C TYR B 124 20.79 4.74 -29.10
N SER B 125 21.65 4.74 -28.07
CA SER B 125 22.75 5.70 -28.04
C SER B 125 23.85 5.24 -27.11
N GLY B 126 24.91 6.04 -27.04
CA GLY B 126 26.04 5.73 -26.18
C GLY B 126 27.31 5.49 -26.95
N ALA B 127 28.43 5.45 -26.23
CA ALA B 127 29.72 5.24 -26.85
C ALA B 127 30.75 5.00 -25.74
N ALA B 128 31.75 4.18 -26.02
CA ALA B 128 32.77 3.87 -25.04
C ALA B 128 33.80 4.98 -24.89
N SER B 129 33.65 6.05 -25.67
CA SER B 129 34.61 7.14 -25.64
C SER B 129 34.21 8.32 -24.78
N LEU B 130 33.04 8.25 -24.14
CA LEU B 130 32.57 9.34 -23.28
C LEU B 130 33.54 9.58 -22.11
N ASP B 131 33.61 10.81 -21.61
CA ASP B 131 34.53 11.11 -20.52
C ASP B 131 34.24 10.34 -19.22
N VAL B 132 32.96 10.10 -18.93
CA VAL B 132 32.65 9.38 -17.70
C VAL B 132 33.04 7.90 -17.73
N TYR B 133 33.46 7.39 -18.88
CA TYR B 133 33.87 5.99 -18.95
C TYR B 133 35.37 5.88 -19.08
N ASP B 134 36.07 6.99 -18.82
CA ASP B 134 37.52 7.01 -18.93
C ASP B 134 38.08 5.97 -17.96
N GLY B 135 38.79 4.97 -18.48
CA GLY B 135 39.34 3.94 -17.61
C GLY B 135 40.74 4.15 -17.03
N ARG B 136 41.32 5.33 -17.20
CA ARG B 136 42.69 5.53 -16.69
C ARG B 136 42.80 5.44 -15.16
N PHE B 137 41.81 6.01 -14.47
CA PHE B 137 41.79 5.99 -13.00
C PHE B 137 41.81 4.58 -12.40
N LEU B 138 40.88 3.72 -12.82
CA LEU B 138 40.83 2.35 -12.32
C LEU B 138 42.12 1.59 -12.67
N ALA B 139 42.67 1.90 -13.84
CA ALA B 139 43.90 1.25 -14.28
C ALA B 139 45.10 1.65 -13.42
N GLN B 140 45.22 2.96 -13.17
CA GLN B 140 46.34 3.47 -12.40
C GLN B 140 46.25 3.18 -10.90
N VAL B 141 45.13 3.54 -10.31
CA VAL B 141 44.95 3.36 -8.88
C VAL B 141 44.77 1.93 -8.40
N GLU B 142 44.03 1.10 -9.15
CA GLU B 142 43.80 -0.29 -8.73
C GLU B 142 44.56 -1.32 -9.54
N GLY B 143 45.31 -0.86 -10.53
CA GLY B 143 46.08 -1.77 -11.34
C GLY B 143 45.19 -2.68 -12.19
N ALA B 144 44.01 -2.18 -12.52
CA ALA B 144 43.08 -2.97 -13.33
C ALA B 144 43.27 -2.83 -14.85
N VAL B 145 42.93 -3.90 -15.56
CA VAL B 145 42.94 -3.89 -17.01
C VAL B 145 41.46 -3.65 -17.34
N LEU B 146 41.16 -2.47 -17.87
CA LEU B 146 39.80 -2.12 -18.21
C LEU B 146 39.55 -2.13 -19.73
N VAL B 147 38.45 -2.74 -20.15
CA VAL B 147 38.10 -2.80 -21.56
C VAL B 147 36.71 -2.23 -21.76
N SER B 148 36.50 -1.53 -22.87
CA SER B 148 35.16 -0.98 -23.20
C SER B 148 35.00 -1.08 -24.72
N MET B 149 33.83 -1.53 -25.19
CA MET B 149 33.61 -1.66 -26.62
C MET B 149 32.43 -0.86 -27.10
N ASN B 150 32.46 -0.53 -28.39
CA ASN B 150 31.35 0.17 -29.00
C ASN B 150 30.49 -0.98 -29.53
N TYR B 151 29.16 -0.81 -29.51
CA TYR B 151 28.31 -1.82 -30.08
C TYR B 151 27.19 -1.08 -30.79
N ARG B 152 26.65 -1.67 -31.84
CA ARG B 152 25.59 -1.00 -32.59
C ARG B 152 24.33 -0.74 -31.79
N VAL B 153 23.77 0.45 -31.97
CA VAL B 153 22.54 0.82 -31.29
C VAL B 153 21.44 1.21 -32.29
N GLY B 154 20.26 1.51 -31.75
CA GLY B 154 19.14 1.89 -32.59
C GLY B 154 18.81 0.80 -33.59
N THR B 155 18.35 1.22 -34.76
CA THR B 155 17.99 0.29 -35.83
C THR B 155 19.19 -0.55 -36.26
N PHE B 156 20.36 0.08 -36.35
CA PHE B 156 21.53 -0.67 -36.81
C PHE B 156 21.85 -1.85 -35.93
N GLY B 157 21.60 -1.73 -34.63
CA GLY B 157 21.91 -2.85 -33.76
C GLY B 157 20.74 -3.71 -33.34
N PHE B 158 19.50 -3.22 -33.47
CA PHE B 158 18.36 -4.00 -32.99
C PHE B 158 17.14 -4.11 -33.87
N LEU B 159 17.14 -3.51 -35.05
CA LEU B 159 15.99 -3.66 -35.93
C LEU B 159 15.92 -5.13 -36.30
N ALA B 160 14.76 -5.74 -36.11
CA ALA B 160 14.64 -7.16 -36.42
C ALA B 160 13.39 -7.56 -37.18
N LEU B 161 13.57 -8.57 -38.02
CA LEU B 161 12.48 -9.18 -38.77
C LEU B 161 12.73 -10.63 -38.34
N PRO B 162 12.28 -10.97 -37.11
CA PRO B 162 12.44 -12.29 -36.51
C PRO B 162 12.20 -13.42 -37.48
N GLY B 163 13.15 -14.36 -37.51
CA GLY B 163 13.03 -15.49 -38.40
C GLY B 163 13.75 -15.31 -39.71
N SER B 164 13.94 -14.05 -40.11
CA SER B 164 14.65 -13.77 -41.36
C SER B 164 16.13 -14.05 -41.20
N ARG B 165 16.86 -14.11 -42.32
CA ARG B 165 18.29 -14.35 -42.27
C ARG B 165 19.06 -13.05 -42.30
N GLU B 166 18.49 -12.03 -42.92
CA GLU B 166 19.19 -10.77 -43.06
C GLU B 166 18.99 -9.73 -41.96
N ALA B 167 18.06 -9.98 -41.05
CA ALA B 167 17.82 -9.06 -39.93
C ALA B 167 17.27 -9.89 -38.77
N PRO B 168 18.08 -10.81 -38.24
CA PRO B 168 17.71 -11.70 -37.13
C PRO B 168 17.47 -11.02 -35.77
N GLY B 169 17.94 -9.78 -35.62
CA GLY B 169 17.77 -9.11 -34.35
C GLY B 169 18.92 -9.37 -33.38
N ASN B 170 19.03 -8.53 -32.34
CA ASN B 170 20.07 -8.63 -31.32
C ASN B 170 21.54 -8.57 -31.82
N VAL B 171 21.79 -8.05 -33.02
CA VAL B 171 23.17 -8.03 -33.48
C VAL B 171 24.02 -7.12 -32.60
N GLY B 172 23.41 -6.09 -32.02
CA GLY B 172 24.16 -5.25 -31.11
C GLY B 172 24.67 -6.06 -29.91
N LEU B 173 23.89 -7.07 -29.51
CA LEU B 173 24.32 -7.89 -28.38
C LEU B 173 25.42 -8.81 -28.88
N LEU B 174 25.34 -9.21 -30.15
CA LEU B 174 26.38 -10.07 -30.69
C LEU B 174 27.70 -9.30 -30.84
N ASP B 175 27.61 -7.99 -31.04
CA ASP B 175 28.81 -7.16 -31.14
C ASP B 175 29.51 -7.24 -29.79
N GLN B 176 28.73 -7.06 -28.73
CA GLN B 176 29.31 -7.11 -27.40
C GLN B 176 29.92 -8.50 -27.17
N ARG B 177 29.21 -9.54 -27.59
CA ARG B 177 29.73 -10.90 -27.40
C ARG B 177 31.05 -11.12 -28.15
N LEU B 178 31.15 -10.59 -29.37
CA LEU B 178 32.38 -10.73 -30.14
C LEU B 178 33.51 -10.01 -29.40
N ALA B 179 33.23 -8.83 -28.86
CA ALA B 179 34.24 -8.10 -28.10
C ALA B 179 34.68 -8.95 -26.90
N LEU B 180 33.72 -9.64 -26.26
CA LEU B 180 34.06 -10.51 -25.13
C LEU B 180 34.97 -11.65 -25.60
N GLN B 181 34.71 -12.21 -26.78
CA GLN B 181 35.53 -13.30 -27.30
C GLN B 181 36.93 -12.75 -27.61
N TRP B 182 36.96 -11.52 -28.11
CA TRP B 182 38.22 -10.89 -28.43
C TRP B 182 39.05 -10.79 -27.17
N VAL B 183 38.39 -10.45 -26.06
CA VAL B 183 39.09 -10.37 -24.78
C VAL B 183 39.67 -11.74 -24.36
N GLN B 184 38.89 -12.82 -24.49
CA GLN B 184 39.42 -14.14 -24.14
C GLN B 184 40.69 -14.45 -24.91
N GLU B 185 40.68 -14.13 -26.19
CA GLU B 185 41.80 -14.44 -27.07
C GLU B 185 43.01 -13.54 -27.01
N ASN B 186 42.81 -12.29 -26.63
CA ASN B 186 43.90 -11.33 -26.67
C ASN B 186 44.26 -10.59 -25.40
N ILE B 187 43.39 -10.59 -24.41
CA ILE B 187 43.68 -9.81 -23.22
C ILE B 187 45.00 -10.15 -22.52
N ALA B 188 45.36 -11.43 -22.53
CA ALA B 188 46.61 -11.85 -21.91
C ALA B 188 47.82 -11.02 -22.42
N ALA B 189 47.83 -10.71 -23.71
CA ALA B 189 48.94 -9.94 -24.31
C ALA B 189 49.12 -8.59 -23.64
N PHE B 190 48.09 -8.11 -22.94
CA PHE B 190 48.12 -6.83 -22.25
C PHE B 190 48.34 -7.00 -20.75
N GLY B 191 48.43 -8.24 -20.30
CA GLY B 191 48.60 -8.49 -18.88
C GLY B 191 47.27 -8.73 -18.16
N GLY B 192 46.20 -8.96 -18.91
CA GLY B 192 44.92 -9.22 -18.29
C GLY B 192 44.71 -10.72 -18.12
N ASP B 193 43.95 -11.10 -17.11
CA ASP B 193 43.70 -12.52 -16.84
C ASP B 193 42.39 -12.93 -17.51
N PRO B 194 42.45 -13.71 -18.60
CA PRO B 194 41.19 -14.10 -19.24
C PRO B 194 40.34 -14.98 -18.34
N MET B 195 40.95 -15.49 -17.28
CA MET B 195 40.21 -16.35 -16.36
C MET B 195 39.49 -15.58 -15.28
N SER B 196 39.61 -14.26 -15.29
CA SER B 196 38.92 -13.43 -14.32
C SER B 196 38.40 -12.17 -15.03
N VAL B 197 37.26 -12.33 -15.69
CA VAL B 197 36.64 -11.23 -16.42
C VAL B 197 35.33 -10.86 -15.76
N THR B 198 35.20 -9.59 -15.39
CA THR B 198 34.00 -9.10 -14.77
C THR B 198 33.33 -8.13 -15.73
N LEU B 199 32.05 -8.33 -16.02
CA LEU B 199 31.32 -7.40 -16.89
C LEU B 199 30.59 -6.41 -16.00
N PHE B 200 30.55 -5.15 -16.39
CA PHE B 200 29.77 -4.18 -15.65
C PHE B 200 29.26 -3.16 -16.61
N GLY B 201 28.08 -2.64 -16.32
CA GLY B 201 27.47 -1.69 -17.20
C GLY B 201 26.33 -1.02 -16.48
N GLU B 202 25.81 0.04 -17.09
CA GLU B 202 24.75 0.80 -16.50
C GLU B 202 23.57 0.93 -17.46
N SER B 203 22.38 0.89 -16.88
CA SER B 203 21.15 1.01 -17.63
C SER B 203 21.03 -0.06 -18.74
N ALA B 204 20.91 0.36 -20.00
CA ALA B 204 20.84 -0.60 -21.10
C ALA B 204 22.11 -1.48 -21.04
N GLY B 205 23.21 -0.90 -20.55
CA GLY B 205 24.45 -1.64 -20.41
C GLY B 205 24.29 -2.72 -19.33
N ALA B 206 23.52 -2.39 -18.30
CA ALA B 206 23.25 -3.33 -17.21
C ALA B 206 22.34 -4.42 -17.78
N ALA B 207 21.30 -4.02 -18.52
CA ALA B 207 20.41 -5.01 -19.11
C ALA B 207 21.22 -5.90 -20.05
N SER B 208 22.21 -5.31 -20.74
CA SER B 208 23.03 -6.13 -21.66
C SER B 208 23.80 -7.15 -20.86
N VAL B 209 24.43 -6.73 -19.77
CA VAL B 209 25.14 -7.67 -18.91
C VAL B 209 24.15 -8.81 -18.52
N GLY B 210 22.95 -8.42 -18.10
CA GLY B 210 21.95 -9.40 -17.72
C GLY B 210 21.64 -10.39 -18.84
N MET B 211 21.63 -9.90 -20.06
CA MET B 211 21.37 -10.78 -21.17
C MET B 211 22.51 -11.75 -21.45
N HIS B 212 23.74 -11.34 -21.17
CA HIS B 212 24.86 -12.26 -21.36
C HIS B 212 24.78 -13.34 -20.29
N ILE B 213 24.22 -13.00 -19.12
CA ILE B 213 24.08 -13.96 -18.05
C ILE B 213 23.04 -15.00 -18.47
N LEU B 214 22.04 -14.53 -19.21
CA LEU B 214 20.96 -15.41 -19.64
C LEU B 214 21.14 -16.10 -20.99
N SER B 215 22.26 -15.88 -21.67
CA SER B 215 22.48 -16.52 -22.97
C SER B 215 23.69 -17.42 -22.86
N LEU B 216 23.46 -18.71 -22.91
CA LEU B 216 24.55 -19.67 -22.75
C LEU B 216 25.89 -19.41 -23.44
N PRO B 217 25.87 -19.13 -24.76
CA PRO B 217 27.14 -18.87 -25.46
C PRO B 217 27.99 -17.76 -24.84
N SER B 218 27.39 -16.85 -24.07
CA SER B 218 28.15 -15.77 -23.44
C SER B 218 28.80 -16.20 -22.13
N ARG B 219 28.15 -17.13 -21.43
CA ARG B 219 28.61 -17.58 -20.13
C ARG B 219 30.05 -18.06 -20.01
N SER B 220 30.65 -18.52 -21.10
CA SER B 220 32.02 -18.97 -21.02
C SER B 220 33.00 -17.83 -21.25
N LEU B 221 32.49 -16.63 -21.45
CA LEU B 221 33.32 -15.47 -21.71
C LEU B 221 33.51 -14.56 -20.52
N PHE B 222 32.80 -14.81 -19.43
CA PHE B 222 32.96 -13.98 -18.23
C PHE B 222 32.68 -14.77 -16.95
N HIS B 223 33.10 -14.22 -15.83
CA HIS B 223 32.95 -14.90 -14.55
C HIS B 223 32.05 -14.25 -13.53
N ARG B 224 32.02 -12.92 -13.51
CA ARG B 224 31.21 -12.17 -12.56
C ARG B 224 30.52 -11.04 -13.31
N ALA B 225 29.52 -10.44 -12.67
CA ALA B 225 28.76 -9.39 -13.32
C ALA B 225 28.27 -8.32 -12.36
N VAL B 226 28.14 -7.11 -12.89
CA VAL B 226 27.66 -5.95 -12.15
C VAL B 226 26.62 -5.27 -13.00
N LEU B 227 25.42 -5.10 -12.45
CA LEU B 227 24.35 -4.43 -13.18
C LEU B 227 23.94 -3.19 -12.40
N GLN B 228 24.25 -2.03 -12.95
CA GLN B 228 23.93 -0.77 -12.31
C GLN B 228 22.69 -0.14 -12.95
N SER B 229 21.65 0.02 -12.15
CA SER B 229 20.41 0.62 -12.61
C SER B 229 19.85 0.06 -13.90
N GLY B 230 19.82 -1.26 -14.03
CA GLY B 230 19.27 -1.86 -15.24
C GLY B 230 19.21 -3.37 -15.14
N THR B 231 18.27 -3.98 -15.86
CA THR B 231 18.11 -5.44 -15.80
C THR B 231 17.61 -5.99 -17.11
N PRO B 232 17.80 -7.28 -17.37
CA PRO B 232 17.30 -7.84 -18.64
C PRO B 232 15.78 -7.96 -18.60
N ASN B 233 15.23 -8.25 -17.42
CA ASN B 233 13.79 -8.34 -17.23
C ASN B 233 13.30 -6.91 -17.06
N GLY B 234 11.98 -6.73 -17.01
CA GLY B 234 11.47 -5.38 -16.87
C GLY B 234 10.71 -4.96 -18.12
N PRO B 235 10.00 -3.84 -18.08
CA PRO B 235 9.19 -3.32 -19.18
C PRO B 235 9.83 -2.71 -20.40
N TRP B 236 11.12 -2.39 -20.36
CA TRP B 236 11.74 -1.72 -21.51
C TRP B 236 12.91 -2.38 -22.23
N ALA B 237 13.60 -3.28 -21.56
CA ALA B 237 14.78 -3.93 -22.11
C ALA B 237 14.57 -4.93 -23.26
N THR B 238 13.37 -5.47 -23.40
CA THR B 238 13.09 -6.43 -24.47
C THR B 238 11.72 -6.20 -25.11
N VAL B 239 11.52 -6.80 -26.26
CA VAL B 239 10.24 -6.76 -26.95
C VAL B 239 10.05 -8.16 -27.52
N SER B 240 8.80 -8.50 -27.81
CA SER B 240 8.47 -9.81 -28.37
C SER B 240 8.85 -9.81 -29.83
N ALA B 241 8.98 -10.99 -30.42
CA ALA B 241 9.30 -11.09 -31.84
C ALA B 241 8.21 -10.34 -32.61
N GLY B 242 6.97 -10.51 -32.17
CA GLY B 242 5.85 -9.85 -32.82
C GLY B 242 5.97 -8.34 -32.81
N GLU B 243 6.28 -7.78 -31.66
CA GLU B 243 6.38 -6.33 -31.56
C GLU B 243 7.59 -5.80 -32.35
N ALA B 244 8.68 -6.57 -32.41
CA ALA B 244 9.88 -6.14 -33.15
C ALA B 244 9.51 -6.05 -34.64
N ARG B 245 8.89 -7.11 -35.13
CA ARG B 245 8.47 -7.15 -36.53
C ARG B 245 7.56 -5.96 -36.86
N ARG B 246 6.62 -5.69 -35.98
CA ARG B 246 5.71 -4.59 -36.19
C ARG B 246 6.48 -3.28 -36.37
N ARG B 247 7.32 -2.95 -35.40
CA ARG B 247 8.09 -1.71 -35.45
C ARG B 247 9.02 -1.66 -36.65
N ALA B 248 9.60 -2.79 -37.02
CA ALA B 248 10.53 -2.84 -38.16
C ALA B 248 9.80 -2.54 -39.47
N THR B 249 8.67 -3.21 -39.67
CA THR B 249 7.91 -3.01 -40.89
C THR B 249 7.35 -1.56 -40.90
N LEU B 250 6.94 -1.06 -39.75
CA LEU B 250 6.42 0.29 -39.68
C LEU B 250 7.51 1.31 -40.02
N LEU B 251 8.73 1.05 -39.57
CA LEU B 251 9.83 1.97 -39.88
C LEU B 251 10.14 1.89 -41.37
N ALA B 252 10.06 0.67 -41.91
CA ALA B 252 10.31 0.45 -43.33
C ALA B 252 9.36 1.36 -44.10
N ARG B 253 8.08 1.25 -43.77
CA ARG B 253 7.06 2.04 -44.41
C ARG B 253 7.39 3.53 -44.30
N LEU B 254 7.69 4.01 -43.09
CA LEU B 254 8.00 5.43 -42.93
C LEU B 254 9.11 5.98 -43.82
N VAL B 255 9.99 5.10 -44.28
CA VAL B 255 11.10 5.56 -45.15
C VAL B 255 10.94 5.13 -46.61
N GLY B 256 9.76 4.65 -46.97
CA GLY B 256 9.52 4.27 -48.35
C GLY B 256 9.83 2.84 -48.76
N CYS B 257 9.87 1.92 -47.83
CA CYS B 257 10.15 0.54 -48.19
C CYS B 257 8.96 -0.27 -47.69
N PRO B 258 8.46 -1.25 -48.46
CA PRO B 258 8.70 -1.84 -49.79
C PRO B 258 8.21 -1.01 -50.95
N ASN B 265 7.43 -10.16 -48.08
CA ASN B 265 8.72 -10.83 -48.16
C ASN B 265 9.82 -10.04 -47.43
N ASP B 266 10.48 -10.68 -46.46
CA ASP B 266 11.53 -10.00 -45.67
C ASP B 266 12.75 -9.54 -46.47
N THR B 267 13.29 -10.43 -47.29
CA THR B 267 14.47 -10.11 -48.06
C THR B 267 14.36 -8.79 -48.81
N GLU B 268 13.21 -8.55 -49.44
CA GLU B 268 13.02 -7.32 -50.19
C GLU B 268 13.02 -6.10 -49.30
N LEU B 269 12.26 -6.20 -48.21
CA LEU B 269 12.12 -5.12 -47.26
C LEU B 269 13.47 -4.71 -46.70
N ILE B 270 14.21 -5.68 -46.20
CA ILE B 270 15.53 -5.43 -45.64
C ILE B 270 16.50 -4.88 -46.69
N ALA B 271 16.47 -5.45 -47.89
CA ALA B 271 17.34 -4.96 -48.96
C ALA B 271 17.11 -3.47 -49.16
N CYS B 272 15.85 -3.05 -49.15
CA CYS B 272 15.55 -1.64 -49.35
C CYS B 272 15.99 -0.80 -48.15
N LEU B 273 15.85 -1.37 -46.96
CA LEU B 273 16.27 -0.66 -45.75
C LEU B 273 17.77 -0.42 -45.81
N ARG B 274 18.50 -1.39 -46.37
CA ARG B 274 19.94 -1.24 -46.51
C ARG B 274 20.39 -0.16 -47.49
N THR B 275 19.54 0.23 -48.42
CA THR B 275 19.93 1.27 -49.37
C THR B 275 19.70 2.65 -48.81
N ARG B 276 19.09 2.75 -47.65
CA ARG B 276 18.82 4.05 -47.08
C ARG B 276 19.95 4.68 -46.26
N PRO B 277 20.15 6.00 -46.38
CA PRO B 277 21.21 6.67 -45.62
C PRO B 277 20.92 6.48 -44.12
N ALA B 278 21.99 6.38 -43.32
CA ALA B 278 21.84 6.18 -41.89
C ALA B 278 20.92 7.19 -41.23
N GLN B 279 21.13 8.48 -41.49
CA GLN B 279 20.30 9.48 -40.83
C GLN B 279 18.83 9.38 -41.14
N ASP B 280 18.49 8.75 -42.27
CA ASP B 280 17.09 8.56 -42.65
C ASP B 280 16.43 7.62 -41.63
N LEU B 281 17.13 6.54 -41.28
CA LEU B 281 16.63 5.57 -40.32
C LEU B 281 16.51 6.23 -38.93
N VAL B 282 17.54 6.95 -38.51
CA VAL B 282 17.45 7.62 -37.22
C VAL B 282 16.31 8.65 -37.19
N ASP B 283 16.11 9.37 -38.28
CA ASP B 283 15.03 10.37 -38.40
C ASP B 283 13.63 9.86 -38.00
N HIS B 284 13.35 8.59 -38.29
CA HIS B 284 12.04 7.99 -37.99
C HIS B 284 12.02 6.99 -36.85
N GLU B 285 13.18 6.75 -36.26
CA GLU B 285 13.33 5.79 -35.16
C GLU B 285 12.24 5.92 -34.08
N TRP B 286 12.02 7.15 -33.63
CA TRP B 286 11.06 7.39 -32.58
C TRP B 286 9.59 7.32 -32.96
N HIS B 287 9.28 7.20 -34.24
CA HIS B 287 7.88 7.16 -34.64
C HIS B 287 7.26 5.78 -34.63
N VAL B 288 7.95 4.77 -34.12
CA VAL B 288 7.35 3.44 -34.12
C VAL B 288 6.85 2.98 -32.75
N LEU B 289 7.07 3.79 -31.71
CA LEU B 289 6.61 3.44 -30.38
C LEU B 289 5.06 3.35 -30.37
N PRO B 290 4.52 2.27 -29.77
CA PRO B 290 3.08 2.02 -29.69
C PRO B 290 2.21 3.06 -28.99
N GLN B 291 2.72 3.75 -27.97
CA GLN B 291 1.93 4.78 -27.29
C GLN B 291 2.83 5.91 -26.86
N GLU B 292 2.22 7.00 -26.41
CA GLU B 292 2.97 8.14 -25.92
C GLU B 292 3.64 7.62 -24.64
N SER B 293 4.93 7.83 -24.45
CA SER B 293 5.55 7.31 -23.24
C SER B 293 6.93 7.82 -22.95
N ILE B 294 7.47 7.37 -21.82
CA ILE B 294 8.83 7.71 -21.45
C ILE B 294 9.45 6.40 -21.03
N PHE B 295 10.78 6.35 -20.97
CA PHE B 295 11.49 5.14 -20.60
C PHE B 295 11.07 3.97 -21.47
N ARG B 296 10.84 4.25 -22.75
CA ARG B 296 10.51 3.24 -23.74
C ARG B 296 11.39 3.55 -24.95
N PHE B 297 11.95 2.51 -25.56
CA PHE B 297 12.87 2.68 -26.67
C PHE B 297 12.47 1.81 -27.84
N SER B 298 12.57 2.38 -29.04
CA SER B 298 12.13 1.68 -30.23
C SER B 298 12.77 0.38 -30.61
N PHE B 299 14.09 0.35 -30.67
CA PHE B 299 14.78 -0.86 -31.07
C PHE B 299 15.65 -1.40 -29.97
N VAL B 300 15.21 -2.50 -29.38
CA VAL B 300 15.90 -3.10 -28.25
C VAL B 300 16.02 -4.59 -28.45
N PRO B 301 16.70 -5.30 -27.53
CA PRO B 301 16.81 -6.75 -27.74
C PRO B 301 15.43 -7.37 -27.93
N VAL B 302 15.38 -8.46 -28.71
CA VAL B 302 14.13 -9.15 -29.01
C VAL B 302 14.19 -10.59 -28.52
N VAL B 303 13.07 -11.08 -28.00
CA VAL B 303 13.02 -12.45 -27.54
C VAL B 303 12.87 -13.25 -28.82
N ASP B 304 14.02 -13.63 -29.37
CA ASP B 304 14.11 -14.34 -30.64
C ASP B 304 14.07 -15.84 -30.53
N GLY B 305 14.18 -16.37 -29.32
CA GLY B 305 14.19 -17.80 -29.17
C GLY B 305 15.56 -18.31 -29.59
N ASP B 306 16.52 -17.40 -29.72
CA ASP B 306 17.89 -17.77 -30.13
C ASP B 306 18.88 -17.20 -29.10
N PHE B 307 19.23 -15.92 -29.21
CA PHE B 307 20.15 -15.31 -28.23
C PHE B 307 19.45 -15.45 -26.89
N LEU B 308 18.15 -15.12 -26.90
CA LEU B 308 17.29 -15.25 -25.73
C LEU B 308 16.31 -16.40 -26.00
N SER B 309 16.60 -17.57 -25.41
CA SER B 309 15.76 -18.75 -25.60
C SER B 309 14.31 -18.55 -25.16
N ASP B 310 14.08 -17.64 -24.21
CA ASP B 310 12.73 -17.36 -23.74
C ASP B 310 12.77 -15.92 -23.22
N THR B 311 11.68 -15.44 -22.62
CA THR B 311 11.69 -14.09 -22.07
C THR B 311 12.63 -14.04 -20.86
N PRO B 312 13.22 -12.88 -20.61
CA PRO B 312 14.13 -12.77 -19.46
C PRO B 312 13.41 -13.20 -18.17
N GLU B 313 12.11 -12.94 -18.12
CA GLU B 313 11.28 -13.29 -16.97
C GLU B 313 11.35 -14.79 -16.73
N ALA B 314 11.02 -15.56 -17.77
CA ALA B 314 11.03 -17.01 -17.66
C ALA B 314 12.42 -17.51 -17.31
N LEU B 315 13.43 -16.97 -17.99
CA LEU B 315 14.80 -17.39 -17.78
C LEU B 315 15.33 -17.14 -16.38
N ILE B 316 14.96 -16.02 -15.76
CA ILE B 316 15.45 -15.76 -14.41
C ILE B 316 14.64 -16.53 -13.37
N ASN B 317 13.42 -16.98 -13.74
CA ASN B 317 12.60 -17.74 -12.80
C ASN B 317 13.02 -19.21 -12.78
N THR B 318 13.54 -19.70 -13.90
CA THR B 318 13.93 -21.10 -13.98
C THR B 318 15.41 -21.33 -14.16
N GLY B 319 16.22 -20.30 -14.05
CA GLY B 319 17.64 -20.49 -14.24
C GLY B 319 18.38 -20.99 -13.02
N ASP B 320 19.50 -21.66 -13.26
CA ASP B 320 20.36 -22.17 -12.20
C ASP B 320 21.57 -21.23 -12.22
N PHE B 321 21.74 -20.44 -11.18
CA PHE B 321 22.84 -19.50 -11.11
C PHE B 321 23.83 -19.82 -10.01
N GLN B 322 24.05 -21.12 -9.80
CA GLN B 322 24.93 -21.64 -8.77
C GLN B 322 26.30 -20.98 -8.65
N ASP B 323 27.10 -21.00 -9.71
CA ASP B 323 28.44 -20.42 -9.63
C ASP B 323 28.61 -19.03 -10.20
N LEU B 324 27.74 -18.12 -9.76
CA LEU B 324 27.76 -16.75 -10.27
C LEU B 324 27.77 -15.75 -9.13
N GLN B 325 28.59 -14.72 -9.23
CA GLN B 325 28.57 -13.67 -8.24
C GLN B 325 28.09 -12.43 -8.98
N VAL B 326 27.13 -11.72 -8.40
CA VAL B 326 26.59 -10.54 -9.04
C VAL B 326 26.44 -9.37 -8.09
N LEU B 327 26.75 -8.17 -8.58
CA LEU B 327 26.61 -6.95 -7.80
C LEU B 327 25.56 -6.11 -8.56
N VAL B 328 24.50 -5.71 -7.86
CA VAL B 328 23.44 -4.93 -8.49
C VAL B 328 23.04 -3.76 -7.60
N GLY B 329 22.48 -2.72 -8.19
CA GLY B 329 22.09 -1.58 -7.39
C GLY B 329 21.38 -0.52 -8.19
N VAL B 330 20.88 0.49 -7.49
CA VAL B 330 20.16 1.58 -8.11
C VAL B 330 20.63 2.89 -7.51
N VAL B 331 20.22 4.02 -8.11
CA VAL B 331 20.58 5.33 -7.59
C VAL B 331 19.33 5.80 -6.84
N LYS B 332 19.47 6.85 -6.04
CA LYS B 332 18.35 7.34 -5.24
C LYS B 332 17.13 7.81 -6.03
N ASP B 333 17.33 8.42 -7.20
CA ASP B 333 16.17 8.89 -7.98
C ASP B 333 16.19 8.43 -9.44
N GLU B 334 15.99 7.14 -9.63
CA GLU B 334 16.01 6.54 -10.97
C GLU B 334 15.11 7.23 -11.99
N GLY B 335 13.95 7.73 -11.56
CA GLY B 335 13.06 8.32 -12.54
C GLY B 335 13.05 9.81 -12.86
N SER B 336 13.61 10.65 -12.00
CA SER B 336 13.57 12.09 -12.24
C SER B 336 13.93 12.51 -13.67
N TYR B 337 15.10 12.07 -14.10
CA TYR B 337 15.63 12.33 -15.44
C TYR B 337 14.59 12.23 -16.55
N PHE B 338 13.96 11.07 -16.64
CA PHE B 338 12.99 10.80 -17.69
C PHE B 338 11.75 11.65 -17.76
N LEU B 339 11.37 12.24 -16.64
CA LEU B 339 10.15 13.05 -16.59
C LEU B 339 10.17 14.26 -17.54
N VAL B 340 11.33 14.90 -17.72
CA VAL B 340 11.45 16.08 -18.59
C VAL B 340 11.43 15.75 -20.08
N TYR B 341 11.43 14.47 -20.41
CA TYR B 341 11.39 14.06 -21.80
C TYR B 341 10.00 13.65 -22.27
N GLY B 342 8.96 14.23 -21.68
CA GLY B 342 7.63 13.84 -22.14
C GLY B 342 6.46 13.96 -21.20
N VAL B 343 6.69 14.18 -19.91
CA VAL B 343 5.57 14.32 -18.99
C VAL B 343 5.22 15.80 -18.84
N PRO B 344 4.01 16.20 -19.24
CA PRO B 344 3.61 17.60 -19.12
C PRO B 344 3.78 18.12 -17.69
N GLY B 345 4.41 19.28 -17.57
CA GLY B 345 4.59 19.86 -16.25
C GLY B 345 6.00 19.76 -15.75
N PHE B 346 6.80 18.91 -16.37
CA PHE B 346 8.17 18.78 -15.90
C PHE B 346 9.20 19.45 -16.79
N SER B 347 10.15 20.12 -16.15
CA SER B 347 11.22 20.82 -16.84
C SER B 347 12.41 20.90 -15.92
N LYS B 348 13.60 21.05 -16.49
CA LYS B 348 14.79 21.14 -15.67
C LYS B 348 14.93 22.57 -15.20
N ASP B 349 14.16 23.45 -15.80
CA ASP B 349 14.26 24.87 -15.48
C ASP B 349 13.38 25.47 -14.35
N ASN B 350 12.42 24.72 -13.84
CA ASN B 350 11.61 25.18 -12.71
C ASN B 350 11.45 24.03 -11.70
N GLU B 351 10.78 24.28 -10.58
CA GLU B 351 10.57 23.27 -9.54
C GLU B 351 9.74 22.08 -9.96
N SER B 352 9.00 22.24 -11.04
CA SER B 352 8.17 21.18 -11.57
C SER B 352 7.10 20.72 -10.59
N LEU B 353 6.60 21.64 -9.77
CA LEU B 353 5.54 21.29 -8.82
C LEU B 353 4.31 21.04 -9.71
N ILE B 354 3.74 19.85 -9.61
CA ILE B 354 2.60 19.52 -10.46
C ILE B 354 1.26 19.37 -9.73
N SER B 355 0.19 19.40 -10.51
CA SER B 355 -1.17 19.25 -10.02
C SER B 355 -1.49 17.77 -9.98
N ARG B 356 -2.56 17.44 -9.28
CA ARG B 356 -2.97 16.05 -9.19
C ARG B 356 -3.39 15.55 -10.58
N ALA B 357 -4.00 16.43 -11.36
CA ALA B 357 -4.44 16.04 -12.70
C ALA B 357 -3.23 15.69 -13.56
N GLN B 358 -2.17 16.50 -13.46
CA GLN B 358 -0.95 16.28 -14.23
C GLN B 358 -0.33 14.95 -13.84
N PHE B 359 -0.50 14.60 -12.56
CA PHE B 359 0.02 13.36 -12.00
C PHE B 359 -0.68 12.15 -12.65
N LEU B 360 -2.01 12.17 -12.71
CA LEU B 360 -2.70 11.02 -13.30
C LEU B 360 -2.35 10.90 -14.78
N ALA B 361 -2.11 12.05 -15.40
CA ALA B 361 -1.75 12.09 -16.81
C ALA B 361 -0.34 11.52 -16.98
N GLY B 362 0.54 11.92 -16.06
CA GLY B 362 1.92 11.45 -16.09
C GLY B 362 2.00 9.94 -15.98
N VAL B 363 1.21 9.38 -15.08
CA VAL B 363 1.16 7.93 -14.87
C VAL B 363 0.80 7.17 -16.15
N ARG B 364 -0.11 7.72 -16.97
CA ARG B 364 -0.49 7.02 -18.19
C ARG B 364 0.68 7.00 -19.17
N ILE B 365 1.53 8.01 -19.08
CA ILE B 365 2.71 8.13 -19.93
C ILE B 365 3.84 7.30 -19.30
N GLY B 366 3.89 7.31 -17.96
CA GLY B 366 4.91 6.59 -17.24
C GLY B 366 4.72 5.07 -17.22
N VAL B 367 3.47 4.63 -17.35
CA VAL B 367 3.17 3.22 -17.35
C VAL B 367 2.24 3.04 -18.54
N PRO B 368 2.78 3.31 -19.73
CA PRO B 368 2.09 3.22 -21.02
C PRO B 368 1.34 1.92 -21.27
N GLN B 369 1.84 0.82 -20.73
CA GLN B 369 1.18 -0.46 -20.96
C GLN B 369 0.04 -0.74 -19.98
N ALA B 370 -0.20 0.17 -19.04
CA ALA B 370 -1.23 0.00 -18.01
C ALA B 370 -2.68 0.28 -18.41
N SER B 371 -3.57 -0.60 -17.94
CA SER B 371 -5.00 -0.43 -18.22
C SER B 371 -5.47 0.73 -17.35
N ASP B 372 -6.73 1.11 -17.47
CA ASP B 372 -7.23 2.21 -16.66
C ASP B 372 -7.31 1.78 -15.18
N LEU B 373 -7.66 0.53 -14.95
CA LEU B 373 -7.74 0.04 -13.59
C LEU B 373 -6.33 -0.01 -13.00
N ALA B 374 -5.37 -0.50 -13.78
CA ALA B 374 -3.99 -0.60 -13.34
C ALA B 374 -3.43 0.80 -13.04
N ALA B 375 -3.75 1.75 -13.90
CA ALA B 375 -3.29 3.13 -13.72
C ALA B 375 -3.87 3.66 -12.42
N GLU B 376 -5.14 3.37 -12.19
CA GLU B 376 -5.78 3.83 -10.97
C GLU B 376 -5.07 3.22 -9.73
N ALA B 377 -4.74 1.93 -9.79
CA ALA B 377 -4.05 1.30 -8.66
C ALA B 377 -2.71 2.01 -8.40
N VAL B 378 -2.00 2.37 -9.46
CA VAL B 378 -0.72 3.05 -9.28
C VAL B 378 -0.96 4.38 -8.60
N VAL B 379 -1.93 5.12 -9.09
CA VAL B 379 -2.21 6.42 -8.50
C VAL B 379 -2.59 6.31 -7.02
N LEU B 380 -3.47 5.37 -6.70
CA LEU B 380 -3.89 5.23 -5.31
C LEU B 380 -2.73 4.74 -4.42
N HIS B 381 -1.82 3.97 -4.99
CA HIS B 381 -0.69 3.47 -4.20
C HIS B 381 0.34 4.56 -3.93
N TYR B 382 0.61 5.42 -4.91
CA TYR B 382 1.61 6.46 -4.72
C TYR B 382 1.09 7.76 -4.11
N THR B 383 -0.23 7.99 -4.18
CA THR B 383 -0.78 9.18 -3.58
C THR B 383 -0.52 9.12 -2.07
N ASP B 384 -0.14 10.25 -1.48
CA ASP B 384 0.07 10.32 -0.03
C ASP B 384 -1.27 10.87 0.47
N TRP B 385 -2.10 9.99 1.02
CA TRP B 385 -3.44 10.37 1.46
C TRP B 385 -3.61 11.45 2.53
N LEU B 386 -2.48 11.88 3.10
CA LEU B 386 -2.46 12.94 4.08
C LEU B 386 -2.34 14.28 3.36
N HIS B 387 -1.70 14.27 2.19
CA HIS B 387 -1.48 15.47 1.35
C HIS B 387 -1.73 15.08 -0.11
N PRO B 388 -2.92 14.59 -0.43
CA PRO B 388 -3.26 14.17 -1.79
C PRO B 388 -3.14 15.20 -2.91
N GLU B 389 -3.11 16.48 -2.53
CA GLU B 389 -3.06 17.55 -3.52
C GLU B 389 -1.74 18.32 -3.52
N ASP B 390 -0.88 18.04 -2.55
CA ASP B 390 0.41 18.71 -2.45
C ASP B 390 1.27 18.50 -3.71
N PRO B 391 1.59 19.61 -4.39
CA PRO B 391 2.40 19.63 -5.62
C PRO B 391 3.79 18.97 -5.49
N THR B 392 4.50 19.26 -4.41
CA THR B 392 5.82 18.68 -4.19
C THR B 392 5.77 17.15 -4.04
N HIS B 393 4.77 16.64 -3.32
CA HIS B 393 4.66 15.19 -3.15
C HIS B 393 4.29 14.55 -4.47
N LEU B 394 3.36 15.17 -5.19
CA LEU B 394 2.92 14.63 -6.46
C LEU B 394 4.07 14.56 -7.46
N ARG B 395 4.94 15.57 -7.45
CA ARG B 395 6.08 15.63 -8.35
C ARG B 395 7.05 14.49 -7.99
N ASP B 396 7.39 14.39 -6.71
CA ASP B 396 8.29 13.33 -6.25
C ASP B 396 7.65 11.94 -6.44
N ALA B 397 6.33 11.88 -6.41
CA ALA B 397 5.68 10.60 -6.57
C ALA B 397 5.74 10.13 -8.04
N MET B 398 5.66 11.08 -8.97
CA MET B 398 5.70 10.76 -10.39
C MET B 398 7.09 10.19 -10.70
N SER B 399 8.11 10.79 -10.08
CA SER B 399 9.47 10.34 -10.28
C SER B 399 9.60 8.91 -9.76
N ALA B 400 9.04 8.64 -8.58
CA ALA B 400 9.09 7.30 -7.96
C ALA B 400 8.41 6.25 -8.81
N VAL B 401 7.23 6.60 -9.34
CA VAL B 401 6.52 5.67 -10.21
C VAL B 401 7.42 5.23 -11.37
N VAL B 402 8.01 6.20 -12.06
CA VAL B 402 8.85 5.86 -13.19
C VAL B 402 10.08 5.07 -12.77
N GLY B 403 10.75 5.53 -11.72
CA GLY B 403 11.94 4.81 -11.27
C GLY B 403 11.68 3.39 -10.76
N ASP B 404 10.58 3.23 -10.01
CA ASP B 404 10.25 1.92 -9.45
C ASP B 404 9.83 0.92 -10.51
N HIS B 405 8.94 1.37 -11.40
CA HIS B 405 8.44 0.56 -12.49
C HIS B 405 9.54 0.07 -13.45
N ASN B 406 10.46 0.98 -13.79
CA ASN B 406 11.51 0.64 -14.75
C ASN B 406 12.80 0.09 -14.22
N VAL B 407 13.17 0.45 -12.99
CA VAL B 407 14.45 0.02 -12.47
C VAL B 407 14.46 -0.69 -11.12
N VAL B 408 14.09 0.04 -10.07
CA VAL B 408 14.12 -0.51 -8.71
C VAL B 408 13.41 -1.84 -8.55
N CYS B 409 12.14 -1.90 -8.91
CA CYS B 409 11.44 -3.16 -8.74
C CYS B 409 11.99 -4.23 -9.70
N PRO B 410 12.31 -3.85 -10.94
CA PRO B 410 12.85 -4.91 -11.79
C PRO B 410 14.17 -5.41 -11.18
N VAL B 411 14.93 -4.51 -10.56
CA VAL B 411 16.19 -4.93 -9.92
C VAL B 411 15.92 -5.81 -8.68
N ALA B 412 14.91 -5.45 -7.89
CA ALA B 412 14.60 -6.22 -6.69
C ALA B 412 14.20 -7.62 -7.13
N GLN B 413 13.44 -7.68 -8.21
CA GLN B 413 12.98 -8.94 -8.76
C GLN B 413 14.19 -9.82 -9.15
N LEU B 414 15.12 -9.22 -9.88
CA LEU B 414 16.30 -9.96 -10.31
C LEU B 414 17.14 -10.43 -9.12
N ALA B 415 17.39 -9.52 -8.17
CA ALA B 415 18.18 -9.86 -6.98
C ALA B 415 17.58 -11.07 -6.28
N GLY B 416 16.26 -11.03 -6.09
CA GLY B 416 15.57 -12.12 -5.45
C GLY B 416 15.67 -13.46 -6.19
N ARG B 417 15.44 -13.47 -7.50
CA ARG B 417 15.54 -14.74 -8.23
C ARG B 417 16.96 -15.26 -8.25
N LEU B 418 17.92 -14.39 -8.51
CA LEU B 418 19.31 -14.82 -8.53
C LEU B 418 19.74 -15.38 -7.17
N ALA B 419 19.35 -14.71 -6.09
CA ALA B 419 19.71 -15.18 -4.75
C ALA B 419 19.04 -16.51 -4.42
N ALA B 420 17.76 -16.62 -4.75
CA ALA B 420 17.01 -17.83 -4.50
C ALA B 420 17.56 -18.99 -5.32
N GLN B 421 18.11 -18.70 -6.49
CA GLN B 421 18.59 -19.76 -7.33
C GLN B 421 20.07 -20.05 -7.37
N GLY B 422 20.75 -19.86 -6.24
CA GLY B 422 22.16 -20.20 -6.21
C GLY B 422 23.22 -19.14 -6.36
N ALA B 423 22.88 -17.95 -6.85
CA ALA B 423 23.89 -16.92 -7.00
C ALA B 423 24.30 -16.22 -5.72
N ARG B 424 25.48 -15.63 -5.77
CA ARG B 424 26.00 -14.84 -4.67
C ARG B 424 25.69 -13.42 -5.13
N VAL B 425 24.85 -12.71 -4.37
CA VAL B 425 24.42 -11.37 -4.73
C VAL B 425 24.73 -10.29 -3.71
N TYR B 426 25.13 -9.12 -4.21
CA TYR B 426 25.37 -7.95 -3.36
C TYR B 426 24.56 -6.82 -3.96
N ALA B 427 23.88 -6.04 -3.13
CA ALA B 427 23.05 -4.96 -3.61
C ALA B 427 23.32 -3.65 -2.89
N TYR B 428 23.06 -2.55 -3.59
CA TYR B 428 23.27 -1.23 -3.04
C TYR B 428 22.29 -0.22 -3.57
N ILE B 429 22.28 0.93 -2.90
CA ILE B 429 21.50 2.06 -3.34
C ILE B 429 22.53 3.19 -3.21
N PHE B 430 22.79 3.88 -4.32
CA PHE B 430 23.75 4.97 -4.38
C PHE B 430 22.97 6.21 -4.07
N GLU B 431 23.41 6.97 -3.07
CA GLU B 431 22.65 8.14 -2.65
C GLU B 431 23.38 9.47 -2.63
N HIS B 432 24.60 9.52 -3.16
CA HIS B 432 25.31 10.79 -3.19
C HIS B 432 25.12 11.59 -4.49
N ARG B 433 24.69 12.85 -4.35
CA ARG B 433 24.51 13.72 -5.51
C ARG B 433 25.80 14.51 -5.74
N ALA B 434 26.39 14.34 -6.92
CA ALA B 434 27.63 15.04 -7.29
C ALA B 434 27.54 16.55 -7.05
N SER B 435 28.55 17.11 -6.38
CA SER B 435 28.56 18.54 -6.11
C SER B 435 28.50 19.35 -7.41
N THR B 436 29.00 18.76 -8.49
CA THR B 436 29.02 19.41 -9.80
C THR B 436 27.80 19.16 -10.69
N LEU B 437 26.81 18.44 -10.19
CA LEU B 437 25.63 18.15 -11.00
C LEU B 437 25.03 19.44 -11.54
N THR B 438 24.60 19.43 -12.79
CA THR B 438 24.00 20.63 -13.38
C THR B 438 22.50 20.51 -13.56
N TRP B 439 21.93 19.36 -13.22
CA TRP B 439 20.48 19.22 -13.31
C TRP B 439 19.94 19.88 -12.05
N PRO B 440 18.68 20.31 -12.06
CA PRO B 440 18.10 20.94 -10.86
C PRO B 440 18.08 20.02 -9.62
N LEU B 441 18.01 20.61 -8.44
CA LEU B 441 17.97 19.85 -7.20
C LEU B 441 16.82 18.86 -7.06
N TRP B 442 15.65 19.24 -7.54
CA TRP B 442 14.53 18.34 -7.40
C TRP B 442 14.74 16.96 -8.03
N MET B 443 15.70 16.85 -8.94
CA MET B 443 15.96 15.56 -9.57
C MET B 443 16.81 14.61 -8.71
N GLY B 444 17.37 15.13 -7.62
CA GLY B 444 18.17 14.31 -6.71
C GLY B 444 19.38 13.66 -7.32
N VAL B 445 19.53 12.35 -7.12
CA VAL B 445 20.66 11.60 -7.68
C VAL B 445 20.01 10.94 -8.90
N PRO B 446 20.15 11.55 -10.09
CA PRO B 446 19.55 11.01 -11.32
C PRO B 446 20.22 9.79 -11.88
N HIS B 447 19.45 9.09 -12.72
CA HIS B 447 19.86 7.89 -13.42
C HIS B 447 21.20 8.18 -14.13
N GLY B 448 22.21 7.36 -13.86
CA GLY B 448 23.49 7.56 -14.51
C GLY B 448 24.54 8.33 -13.73
N TYR B 449 24.17 9.06 -12.69
CA TYR B 449 25.19 9.84 -11.99
C TYR B 449 26.07 9.21 -10.90
N GLU B 450 26.13 7.88 -10.89
CA GLU B 450 27.00 7.22 -9.94
C GLU B 450 28.22 6.81 -10.78
N ILE B 451 28.05 6.71 -12.09
CA ILE B 451 29.13 6.28 -12.97
C ILE B 451 30.45 7.01 -12.81
N GLU B 452 30.41 8.35 -12.84
CA GLU B 452 31.63 9.15 -12.70
C GLU B 452 32.39 8.82 -11.41
N PHE B 453 31.68 8.39 -10.38
CA PHE B 453 32.31 8.01 -9.12
C PHE B 453 32.96 6.64 -9.18
N ILE B 454 32.30 5.66 -9.79
CA ILE B 454 32.85 4.30 -9.93
C ILE B 454 34.11 4.34 -10.80
N PHE B 455 34.09 5.17 -11.85
CA PHE B 455 35.27 5.28 -12.74
C PHE B 455 36.40 6.12 -12.15
N GLY B 456 36.09 6.83 -11.06
CA GLY B 456 37.11 7.60 -10.36
C GLY B 456 37.44 8.99 -10.85
N LEU B 457 36.53 9.60 -11.63
CA LEU B 457 36.79 10.94 -12.12
C LEU B 457 37.13 11.97 -11.03
N PRO B 458 36.48 11.89 -9.84
CA PRO B 458 36.82 12.87 -8.81
C PRO B 458 38.31 12.94 -8.45
N LEU B 459 39.07 11.94 -8.83
CA LEU B 459 40.50 11.97 -8.53
C LEU B 459 41.27 12.94 -9.43
N ASP B 460 40.59 13.52 -10.42
CA ASP B 460 41.23 14.48 -11.33
C ASP B 460 40.98 15.86 -10.73
N PRO B 461 42.04 16.48 -10.19
CA PRO B 461 41.95 17.80 -9.56
C PRO B 461 41.23 18.86 -10.38
N SER B 462 41.47 18.85 -11.69
CA SER B 462 40.85 19.84 -12.55
C SER B 462 39.34 19.74 -12.65
N LEU B 463 38.76 18.66 -12.16
CA LEU B 463 37.32 18.49 -12.27
C LEU B 463 36.49 19.14 -11.16
N ASN B 464 37.18 19.69 -10.16
CA ASN B 464 36.53 20.40 -9.07
C ASN B 464 35.53 19.67 -8.16
N TYR B 465 35.83 18.42 -7.83
CA TYR B 465 34.98 17.67 -6.92
C TYR B 465 35.53 17.97 -5.52
N THR B 466 34.70 17.80 -4.49
CA THR B 466 35.13 18.04 -3.12
C THR B 466 36.10 16.96 -2.68
N THR B 467 36.86 17.25 -1.63
CA THR B 467 37.81 16.29 -1.07
C THR B 467 37.09 15.02 -0.63
N GLU B 468 35.88 15.20 -0.09
CA GLU B 468 35.09 14.06 0.37
C GLU B 468 34.74 13.14 -0.80
N GLU B 469 34.29 13.77 -1.88
CA GLU B 469 33.92 13.07 -3.10
C GLU B 469 35.09 12.25 -3.64
N ARG B 470 36.29 12.77 -3.51
CA ARG B 470 37.47 12.08 -3.98
C ARG B 470 37.76 10.84 -3.13
N ILE B 471 37.46 10.94 -1.84
CA ILE B 471 37.69 9.81 -0.93
C ILE B 471 36.60 8.78 -1.19
N PHE B 472 35.39 9.29 -1.45
CA PHE B 472 34.25 8.44 -1.77
C PHE B 472 34.55 7.60 -3.03
N ALA B 473 35.00 8.27 -4.10
CA ALA B 473 35.33 7.58 -5.34
C ALA B 473 36.39 6.52 -5.09
N GLN B 474 37.37 6.81 -4.26
CA GLN B 474 38.38 5.80 -3.99
C GLN B 474 37.73 4.59 -3.31
N ARG B 475 36.76 4.84 -2.43
CA ARG B 475 36.08 3.73 -1.77
C ARG B 475 35.40 2.84 -2.80
N LEU B 476 34.60 3.47 -3.66
CA LEU B 476 33.84 2.77 -4.68
C LEU B 476 34.71 1.96 -5.61
N MET B 477 35.80 2.56 -6.09
CA MET B 477 36.72 1.89 -6.99
C MET B 477 37.21 0.61 -6.34
N LYS B 478 37.43 0.68 -5.02
CA LYS B 478 37.89 -0.48 -4.23
C LYS B 478 36.82 -1.56 -4.23
N TYR B 479 35.57 -1.16 -3.95
CA TYR B 479 34.46 -2.09 -3.91
C TYR B 479 34.35 -2.85 -5.22
N TRP B 480 34.29 -2.09 -6.32
CA TRP B 480 34.16 -2.69 -7.64
C TRP B 480 35.31 -3.61 -8.01
N THR B 481 36.54 -3.15 -7.78
CA THR B 481 37.70 -3.96 -8.13
C THR B 481 37.86 -5.13 -7.17
N ASN B 482 37.46 -4.95 -5.91
CA ASN B 482 37.53 -6.08 -4.97
C ASN B 482 36.57 -7.13 -5.48
N PHE B 483 35.37 -6.68 -5.85
CA PHE B 483 34.36 -7.57 -6.38
C PHE B 483 34.89 -8.28 -7.64
N ALA B 484 35.59 -7.54 -8.49
CA ALA B 484 36.11 -8.14 -9.72
C ALA B 484 37.18 -9.18 -9.40
N ARG B 485 38.00 -8.86 -8.42
CA ARG B 485 39.09 -9.75 -8.02
C ARG B 485 38.60 -11.03 -7.34
N THR B 486 37.62 -10.89 -6.45
CA THR B 486 37.18 -12.02 -5.65
C THR B 486 35.71 -12.41 -5.65
N GLY B 487 34.86 -11.56 -6.23
CA GLY B 487 33.44 -11.86 -6.22
C GLY B 487 32.83 -11.35 -4.92
N ASP B 488 33.61 -10.58 -4.17
CA ASP B 488 33.18 -10.03 -2.87
C ASP B 488 33.72 -8.59 -2.81
N PRO B 489 32.84 -7.60 -2.68
CA PRO B 489 33.26 -6.20 -2.61
C PRO B 489 34.02 -5.76 -1.36
N ASN B 490 33.96 -6.56 -0.31
CA ASN B 490 34.63 -6.24 0.94
C ASN B 490 36.14 -6.38 0.83
N ASP B 491 36.84 -5.50 1.56
CA ASP B 491 38.31 -5.49 1.59
C ASP B 491 38.82 -6.63 2.48
N PRO B 492 39.39 -7.67 1.83
CA PRO B 492 39.97 -8.93 2.34
C PRO B 492 40.84 -8.73 3.56
N ARG B 493 41.54 -7.61 3.56
CA ARG B 493 42.42 -7.27 4.66
C ARG B 493 42.13 -5.81 5.00
N ASP B 494 41.53 -5.67 6.16
CA ASP B 494 41.08 -4.45 6.80
C ASP B 494 40.15 -5.20 7.72
N SER B 495 40.39 -5.11 9.03
CA SER B 495 39.59 -5.85 9.97
C SER B 495 38.43 -5.16 10.71
N LYS B 496 37.89 -4.09 10.16
CA LYS B 496 36.73 -3.44 10.75
C LYS B 496 36.22 -2.43 9.78
N SER B 497 35.20 -2.85 9.01
CA SER B 497 34.60 -2.05 7.93
C SER B 497 33.57 -0.93 8.21
N PRO B 498 32.26 -1.24 8.41
CA PRO B 498 31.42 -2.44 8.50
C PRO B 498 31.32 -3.23 7.22
N GLN B 499 31.04 -4.52 7.36
CA GLN B 499 30.95 -5.42 6.23
C GLN B 499 29.69 -5.25 5.38
N TRP B 500 29.85 -5.49 4.08
CA TRP B 500 28.74 -5.42 3.12
C TRP B 500 28.23 -6.88 3.05
N PRO B 501 27.05 -7.16 3.62
CA PRO B 501 26.52 -8.53 3.57
C PRO B 501 25.85 -8.92 2.23
N PRO B 502 25.92 -10.20 1.86
CA PRO B 502 25.31 -10.69 0.63
C PRO B 502 23.82 -10.45 0.74
N TYR B 503 23.16 -10.31 -0.40
CA TYR B 503 21.72 -10.10 -0.43
C TYR B 503 21.07 -11.47 -0.49
N THR B 504 20.04 -11.69 0.33
CA THR B 504 19.35 -12.99 0.35
C THR B 504 17.87 -12.77 0.38
N THR B 505 17.09 -13.79 0.01
CA THR B 505 15.63 -13.65 0.02
C THR B 505 15.12 -13.53 1.46
N ALA B 506 15.82 -14.16 2.40
CA ALA B 506 15.45 -14.12 3.81
C ALA B 506 15.63 -12.72 4.42
N ALA B 507 16.88 -12.26 4.48
CA ALA B 507 17.18 -10.95 5.09
C ALA B 507 17.07 -9.75 4.17
N GLN B 508 17.19 -9.95 2.86
CA GLN B 508 17.11 -8.87 1.86
C GLN B 508 17.98 -7.66 2.21
N GLN B 509 19.21 -7.93 2.62
CA GLN B 509 20.12 -6.87 2.98
C GLN B 509 20.86 -6.22 1.81
N TYR B 510 20.95 -4.89 1.87
CA TYR B 510 21.66 -4.12 0.86
C TYR B 510 22.29 -2.93 1.59
N VAL B 511 23.27 -2.28 0.97
CA VAL B 511 23.95 -1.15 1.63
C VAL B 511 23.74 0.18 0.93
N SER B 512 23.86 1.26 1.70
CA SER B 512 23.72 2.59 1.11
C SER B 512 25.12 3.10 0.77
N LEU B 513 25.31 3.58 -0.45
CA LEU B 513 26.61 4.09 -0.84
C LEU B 513 26.48 5.62 -0.85
N ASN B 514 27.16 6.26 0.08
CA ASN B 514 27.15 7.73 0.19
C ASN B 514 28.40 8.15 0.92
N LEU B 515 28.48 9.42 1.32
CA LEU B 515 29.69 9.92 2.00
C LEU B 515 29.90 9.30 3.38
N LYS B 516 28.82 8.83 3.99
CA LYS B 516 28.94 8.18 5.30
C LYS B 516 29.40 6.75 5.13
N PRO B 517 29.93 6.14 6.20
CA PRO B 517 30.40 4.75 6.11
C PRO B 517 29.23 3.86 5.69
N LEU B 518 29.53 2.67 5.15
CA LEU B 518 28.45 1.76 4.73
C LEU B 518 27.41 1.57 5.81
N GLU B 519 26.17 1.51 5.39
CA GLU B 519 25.06 1.29 6.31
C GLU B 519 24.25 0.15 5.69
N VAL B 520 23.95 -0.87 6.49
CA VAL B 520 23.16 -2.00 6.01
C VAL B 520 21.67 -1.72 6.21
N ARG B 521 20.87 -1.99 5.19
CA ARG B 521 19.41 -1.80 5.28
C ARG B 521 18.71 -3.09 4.83
N ARG B 522 17.43 -3.22 5.12
CA ARG B 522 16.72 -4.44 4.74
C ARG B 522 15.48 -4.16 3.94
N GLY B 523 15.29 -4.97 2.90
CA GLY B 523 14.13 -4.80 2.04
C GLY B 523 14.30 -3.64 1.09
N LEU B 524 14.40 -3.95 -0.19
CA LEU B 524 14.58 -2.94 -1.21
C LEU B 524 13.19 -2.55 -1.73
N ARG B 525 12.61 -1.49 -1.17
CA ARG B 525 11.27 -1.04 -1.56
C ARG B 525 10.33 -2.24 -1.51
N ALA B 526 10.47 -3.05 -0.47
CA ALA B 526 9.70 -4.29 -0.33
C ALA B 526 8.22 -4.22 -0.57
N GLN B 527 7.52 -3.33 0.13
CA GLN B 527 6.07 -3.20 -0.04
C GLN B 527 5.71 -2.73 -1.44
N THR B 528 6.32 -1.64 -1.86
CA THR B 528 6.04 -1.09 -3.17
C THR B 528 6.39 -2.05 -4.30
N CYS B 529 7.53 -2.74 -4.21
CA CYS B 529 7.86 -3.64 -5.30
C CYS B 529 6.94 -4.88 -5.32
N ALA B 530 6.35 -5.20 -4.16
CA ALA B 530 5.41 -6.34 -4.11
C ALA B 530 4.20 -5.90 -4.95
N PHE B 531 3.86 -4.62 -4.87
CA PHE B 531 2.78 -4.07 -5.66
C PHE B 531 3.05 -4.27 -7.16
N TRP B 532 4.23 -3.84 -7.60
CA TRP B 532 4.65 -3.96 -8.99
C TRP B 532 4.93 -5.41 -9.43
N ASN B 533 5.66 -6.15 -8.62
CA ASN B 533 6.03 -7.50 -9.01
C ASN B 533 5.05 -8.62 -8.78
N ARG B 534 4.13 -8.45 -7.83
CA ARG B 534 3.16 -9.50 -7.55
C ARG B 534 1.73 -9.11 -7.86
N PHE B 535 1.32 -7.91 -7.48
CA PHE B 535 -0.06 -7.55 -7.74
C PHE B 535 -0.39 -7.12 -9.15
N LEU B 536 0.30 -6.10 -9.66
CA LEU B 536 0.00 -5.64 -11.02
C LEU B 536 -0.05 -6.74 -12.08
N PRO B 537 0.89 -7.70 -12.03
CA PRO B 537 0.85 -8.78 -13.03
C PRO B 537 -0.52 -9.46 -12.93
N LYS B 538 -0.82 -10.00 -11.75
CA LYS B 538 -2.10 -10.68 -11.49
C LYS B 538 -3.27 -9.85 -11.99
N LEU B 539 -3.14 -8.54 -11.90
CA LEU B 539 -4.21 -7.68 -12.33
C LEU B 539 -4.46 -7.77 -13.82
N LEU B 540 -3.44 -7.53 -14.62
CA LEU B 540 -3.63 -7.57 -16.06
C LEU B 540 -3.99 -8.94 -16.67
N SER B 541 -3.57 -10.02 -16.03
CA SER B 541 -3.91 -11.36 -16.53
C SER B 541 -5.29 -11.76 -15.97
N ALA B 542 -6.30 -10.99 -16.39
CA ALA B 542 -7.71 -11.15 -15.97
C ALA B 542 -8.38 -9.77 -16.07
N THR B 543 -8.23 -9.00 -15.00
CA THR B 543 -8.74 -7.62 -14.85
C THR B 543 -10.25 -7.52 -14.51
C1 NAG C . -4.54 -22.52 19.33
C2 NAG C . -3.60 -23.46 18.51
C3 NAG C . -4.25 -23.86 17.17
C4 NAG C . -5.68 -24.38 17.37
C5 NAG C . -6.50 -23.37 18.18
C6 NAG C . -7.91 -23.87 18.51
C7 NAG C . -1.18 -23.42 18.47
C8 NAG C . -0.28 -23.67 17.26
N2 NAG C . -2.34 -22.78 18.26
O3 NAG C . -3.49 -24.89 16.57
O4 NAG C . -6.30 -24.59 16.11
O5 NAG C . -5.85 -23.11 19.45
O6 NAG C . -7.84 -25.14 19.22
O7 NAG C . -0.83 -23.80 19.59
C1 FUC C . -8.45 -25.08 20.49
C2 FUC C . -8.98 -26.47 20.89
C3 FUC C . -7.83 -27.42 21.28
C4 FUC C . -6.86 -26.78 22.29
C5 FUC C . -6.43 -25.37 21.82
C6 FUC C . -5.62 -24.63 22.87
O2 FUC C . -9.71 -27.03 19.81
O3 FUC C . -8.37 -28.62 21.84
O4 FUC C . -7.45 -26.69 23.58
O5 FUC C . -7.59 -24.56 21.51
C1 NAG D . -11.32 -7.43 43.86
C2 NAG D . -12.04 -8.75 43.51
C3 NAG D . -12.43 -9.50 44.79
C4 NAG D . -11.20 -9.69 45.70
C5 NAG D . -10.53 -8.33 45.95
C6 NAG D . -9.25 -8.46 46.77
C7 NAG D . -13.09 -8.35 41.38
C8 NAG D . -13.91 -7.27 40.70
N2 NAG D . -13.21 -8.48 42.70
O3 NAG D . -12.98 -10.78 44.46
O4 NAG D . -11.59 -10.30 46.93
O5 NAG D . -10.18 -7.70 44.70
O6 NAG D . -8.34 -9.37 46.16
O7 NAG D . -12.33 -9.07 40.71
C CO3 E . -21.35 -5.50 17.23
O1 CO3 E . -20.41 -6.30 16.88
O2 CO3 E . -22.01 -4.85 16.27
O3 CO3 E . -21.62 -5.28 18.52
CL CL F . -19.85 -13.31 16.66
CL CL G . -20.05 -20.04 17.41
C2 DCU H . -21.63 -18.75 12.06
C3 DCU H . -20.54 -18.99 10.97
C4 DCU H . -20.62 -18.25 9.62
C5 DCU H . -21.89 -18.66 8.83
C6 DCU H . -21.59 -19.64 7.71
C7 DCU H . -22.65 -19.88 6.78
C8 DCU H . -22.30 -20.79 5.61
C9 DCU H . -23.46 -21.72 5.17
C10 DCU H . -23.51 -21.87 3.66
C11 DCU H . -23.89 -23.27 3.07
N12 DCU H . -25.21 -23.33 2.33
C13 DCU H . -25.49 -24.73 1.99
C14 DCU H . -25.16 -22.56 1.05
C15 DCU H . -26.34 -22.83 3.14
C16 DCU H . -25.08 -21.06 16.23
C17 DCU H . -24.03 -20.64 15.36
C18 DCU H . -23.86 -21.40 14.09
C19 DCU H . -24.74 -22.54 13.89
C20 DCU H . -25.77 -22.93 14.79
C21 DCU H . -25.95 -22.18 15.98
C22 DCU H . -23.11 -20.79 13.02
N23 DCU H . -22.40 -19.56 13.21
C24 DCU H . -22.41 -18.94 14.49
C25 DCU H . -23.17 -19.53 15.61
C26 DCU H . -21.83 -17.63 14.77
C27 DCU H . -21.95 -16.93 16.00
C28 DCU H . -22.68 -17.51 17.03
C29 DCU H . -23.26 -18.79 16.81
C30 DCU H . -23.05 -21.51 11.69
C31 DCU H . -24.04 -21.24 10.69
C32 DCU H . -24.03 -21.96 9.47
C33 DCU H . -23.04 -22.95 9.22
C34 DCU H . -22.05 -23.21 10.21
C35 DCU H . -22.06 -22.49 11.44
N36 DCU H . -26.58 -24.04 14.55
N37 DCU H . -21.38 -15.65 16.20
C1 NAG I . 7.69 24.54 -15.67
C2 NAG I . 6.26 25.00 -15.31
C3 NAG I . 5.21 24.29 -16.19
C4 NAG I . 5.56 24.39 -17.67
C5 NAG I . 7.02 23.96 -17.91
C6 NAG I . 7.45 24.18 -19.37
C7 NAG I . 6.06 25.74 -13.02
C8 NAG I . 6.78 25.43 -11.70
N2 NAG I . 5.98 24.75 -13.90
O3 NAG I . 3.93 24.86 -15.95
O4 NAG I . 4.67 23.56 -18.43
O5 NAG I . 7.92 24.72 -17.08
O6 NAG I . 8.45 25.19 -19.50
O7 NAG I . 5.59 26.87 -13.22
C CO3 J . 19.19 4.05 -20.41
O1 CO3 J . 18.84 2.87 -20.78
O2 CO3 J . 20.40 4.52 -20.75
O3 CO3 J . 18.36 4.76 -19.64
O1 P6G K . 1.60 2.81 -0.01
C2 P6G K . 0.36 2.11 0.28
C3 P6G K . -0.72 1.54 -0.67
O4 P6G K . -2.20 1.82 -0.24
C5 P6G K . -2.86 2.84 -1.02
C6 P6G K . -3.92 2.19 -1.75
O7 P6G K . -3.55 1.07 -2.72
C8 P6G K . -4.38 1.04 -3.90
C9 P6G K . -3.93 -0.11 -4.82
O10 P6G K . -3.54 -1.48 -4.06
C11 P6G K . -3.28 -2.63 -4.85
C12 P6G K . -2.96 -3.76 -4.00
O13 P6G K . -1.63 -3.72 -3.16
C14 P6G K . -0.78 -4.89 -3.24
C15 P6G K . 0.45 -4.72 -2.50
O16 P6G K . 0.58 -3.34 -1.78
C17 P6G K . 1.53 -3.26 -0.69
C18 P6G K . 1.41 -1.98 -0.12
O19 P6G K . 1.16 -1.99 1.45
C1 PG4 L . 5.79 5.80 5.20
C2 PG4 L . 4.70 5.94 4.27
O2 PG4 L . 4.60 7.31 3.78
C3 PG4 L . 3.44 7.64 2.72
C4 PG4 L . 3.37 6.70 1.51
O3 PG4 L . 3.61 7.41 0.29
C5 PG4 L . 3.57 6.47 -0.93
C6 PG4 L . 4.85 6.00 -1.42
O4 PG4 L . 5.26 6.94 -2.45
C7 PG4 L . 6.74 7.41 -2.33
C8 PG4 L . 7.03 8.83 -2.90
C2 DCU M . 9.15 10.34 -27.89
C3 DCU M . 7.68 10.30 -27.39
C4 DCU M . 6.99 8.93 -27.18
C5 DCU M . 6.57 8.31 -28.53
C6 DCU M . 5.10 8.52 -28.86
C7 DCU M . 4.60 7.89 -30.03
C8 DCU M . 3.17 7.39 -29.94
C9 DCU M . 2.12 8.33 -30.61
C10 DCU M . 1.13 7.49 -31.43
C11 DCU M . 1.00 7.78 -32.94
N12 DCU M . 0.94 6.56 -33.82
C13 DCU M . 0.85 6.97 -35.22
C14 DCU M . -0.25 5.71 -33.50
C15 DCU M . 2.16 5.72 -33.69
C16 DCU M . 13.03 12.89 -31.63
C17 DCU M . 12.09 12.47 -30.63
C18 DCU M . 10.69 12.24 -31.11
C19 DCU M . 10.45 12.40 -32.53
C20 DCU M . 11.42 12.80 -33.47
C21 DCU M . 12.73 13.05 -33.02
C22 DCU M . 9.74 11.61 -30.22
N23 DCU M . 10.11 11.13 -28.91
C24 DCU M . 11.45 11.35 -28.45
C25 DCU M . 12.47 12.01 -29.33
C26 DCU M . 11.98 10.85 -27.20
C27 DCU M . 13.33 10.90 -26.78
C28 DCU M . 14.27 11.51 -27.64
C29 DCU M . 13.81 12.02 -28.88
C30 DCU M . 8.32 11.50 -30.68
C31 DCU M . 7.90 10.36 -31.45
C32 DCU M . 6.55 10.28 -31.92
C33 DCU M . 5.63 11.31 -31.63
C34 DCU M . 6.05 12.44 -30.87
C35 DCU M . 7.39 12.53 -30.39
N36 DCU M . 11.12 12.93 -34.84
N37 DCU M . 13.78 10.38 -25.55
#